data_5OW0
#
_entry.id   5OW0
#
_cell.length_a   54.730
_cell.length_b   72.750
_cell.length_c   133.881
_cell.angle_alpha   90.00
_cell.angle_beta   90.00
_cell.angle_gamma   90.00
#
_symmetry.space_group_name_H-M   'P 21 21 21'
#
loop_
_entity.id
_entity.type
_entity.pdbx_description
1 polymer 'Electron transfer flavoprotein, beta subunit'
2 polymer 'Electron transfer flavoprotein, alpha subunit'
3 non-polymer 'ADENOSINE MONOPHOSPHATE'
4 non-polymer 'FLAVIN-ADENINE DINUCLEOTIDE'
5 water water
#
loop_
_entity_poly.entity_id
_entity_poly.type
_entity_poly.pdbx_seq_one_letter_code
_entity_poly.pdbx_strand_id
1 'polypeptide(L)'
;(MSE)QIVVLAKVVPDYEVPSADFELVGNRAHPRYTR(MSE)IGLYDENAVELGVQLKEKLGADLTVVSYGRNDDVQFLR
KALA(MSE)GADKVVLVEGDSDDPYVIAANLKDAIDRQGTVDLILAGRQSSD(MSE)DRGVVPGVLAG(MSE)LDLPFVP
QACSVESVDGGWKISQITETGKRLLKLSGKGVLSITSVPENVPRIPAVKAIFAAKKKPVEKLPEIGTGK(MSE)AVSELS
VSIPKVESNCELIPAED(MSE)DDAVRVLLRRLKEERYL
;
B
2 'polypeptide(L)'
;(MSE)KTLIIETANAKILGELVTVSRLFGQAPDVVVLGSGELQGSYGKAYRLSDTLGANLGSSLSDLIKRERYELILLST
TAIGSGLAGPLAVSLGAPILSEVTAISPDLTIERSLYGSKAVARYKLESGPLVLTIKRKYFEAATLEGTTATEELPVGPQ
KITLLEEIEEERTGIPLEDAEVVVTGGRGIGSGDNFSILKEIAG(MSE)LNGAVGASRGAVDEGW(MSE)PPGAQIGQTG
KIVAPTVYFAVGVSGASQHLAGISNAKCVIAINKDNEANIFKRARFGIVGDYKKAVPALINALKEN
;
A
#
loop_
_chem_comp.id
_chem_comp.type
_chem_comp.name
_chem_comp.formula
AMP non-polymer 'ADENOSINE MONOPHOSPHATE' 'C10 H14 N5 O7 P'
FAD non-polymer 'FLAVIN-ADENINE DINUCLEOTIDE' 'C27 H33 N9 O15 P2'
#
# COMPACT_ATOMS: atom_id res chain seq x y z
N MSE A 1 -25.38 -1.99 17.48
CA MSE A 1 -24.33 -2.24 16.38
C MSE A 1 -22.99 -1.61 16.63
O MSE A 1 -22.93 -0.44 17.04
CB MSE A 1 -24.85 -1.74 15.06
CG MSE A 1 -23.97 -2.12 13.95
SE MSE A 1 -24.63 -1.62 12.18
CE MSE A 1 -24.66 -3.38 11.42
H1 MSE A 1 -26.15 -2.39 17.26
H2 MSE A 1 -25.09 -2.32 18.25
H3 MSE A 1 -25.53 -1.11 17.55
HA MSE A 1 -24.21 -3.21 16.30
HB2 MSE A 1 -25.74 -2.10 14.89
HB3 MSE A 1 -24.87 -0.77 15.10
HG2 MSE A 1 -23.11 -1.69 14.06
HG3 MSE A 1 -23.86 -3.08 13.97
HE1 MSE A 1 -24.93 -3.32 10.48
HE2 MSE A 1 -23.79 -3.77 11.49
HE3 MSE A 1 -25.31 -3.92 11.91
N GLN A 2 -21.90 -2.35 16.39
CA GLN A 2 -20.58 -1.92 16.83
C GLN A 2 -19.56 -2.12 15.72
N ILE A 3 -18.88 -1.03 15.39
CA ILE A 3 -17.79 -1.04 14.45
C ILE A 3 -16.50 -0.87 15.22
N VAL A 4 -15.51 -1.70 14.91
CA VAL A 4 -14.18 -1.57 15.49
C VAL A 4 -13.23 -1.02 14.41
N VAL A 5 -12.42 -0.04 14.80
CA VAL A 5 -11.35 0.46 13.95
CA VAL A 5 -11.36 0.43 13.92
C VAL A 5 -10.00 0.25 14.62
N LEU A 6 -9.09 -0.36 13.88
CA LEU A 6 -7.77 -0.63 14.37
C LEU A 6 -6.88 0.57 14.03
N ALA A 7 -6.34 1.23 15.03
CA ALA A 7 -5.51 2.41 14.77
C ALA A 7 -4.20 2.28 15.50
N LYS A 8 -3.13 2.66 14.79
CA LYS A 8 -1.77 2.54 15.29
C LYS A 8 -1.06 3.89 15.19
N VAL A 9 -0.50 4.28 16.32
CA VAL A 9 0.31 5.49 16.42
C VAL A 9 1.74 5.19 15.99
N VAL A 10 2.31 6.14 15.26
CA VAL A 10 3.60 5.95 14.60
C VAL A 10 4.45 7.23 14.66
N PRO A 11 5.76 7.09 14.44
CA PRO A 11 6.56 8.31 14.23
C PRO A 11 6.13 9.07 12.98
N ASP A 12 6.19 10.40 13.01
CA ASP A 12 5.91 11.31 11.89
C ASP A 12 6.30 10.73 10.53
N TYR A 13 5.28 10.50 9.69
CA TYR A 13 5.50 9.79 8.42
C TYR A 13 5.83 10.74 7.29
N GLU A 14 5.96 12.04 7.61
CA GLU A 14 6.40 13.04 6.65
C GLU A 14 7.85 13.49 6.84
N VAL A 15 8.59 12.95 7.79
CA VAL A 15 10.00 13.29 7.96
C VAL A 15 10.79 12.81 6.75
N PRO A 16 11.55 13.72 6.09
CA PRO A 16 12.35 13.27 4.94
C PRO A 16 13.57 12.45 5.33
N SER A 17 14.11 11.69 4.37
CA SER A 17 15.34 10.93 4.63
C SER A 17 16.48 11.80 5.19
N ALA A 18 16.61 13.04 4.71
CA ALA A 18 17.63 13.97 5.16
C ALA A 18 17.67 14.13 6.67
N ASP A 19 16.53 13.98 7.29
CA ASP A 19 16.35 14.28 8.71
C ASP A 19 16.00 13.06 9.49
N PHE A 20 16.13 11.88 8.86
CA PHE A 20 15.62 10.66 9.47
C PHE A 20 16.78 9.80 9.97
N GLU A 21 16.72 9.37 11.23
CA GLU A 21 17.80 8.56 11.77
C GLU A 21 17.16 7.47 12.62
N LEU A 22 17.89 6.37 12.72
CA LEU A 22 17.52 5.21 13.52
C LEU A 22 18.32 5.11 14.79
N VAL A 23 17.67 4.53 15.82
CA VAL A 23 18.33 4.11 17.06
C VAL A 23 17.88 2.66 17.20
N GLY A 24 18.79 1.71 17.16
CA GLY A 24 18.35 0.33 17.41
C GLY A 24 17.32 -0.18 16.40
N ASN A 25 17.59 0.17 15.15
CA ASN A 25 16.81 -0.23 13.97
C ASN A 25 15.38 0.30 13.90
N ARG A 26 15.06 1.25 14.76
CA ARG A 26 13.79 1.95 14.72
C ARG A 26 13.99 3.46 14.80
N ALA A 27 12.96 4.20 14.43
CA ALA A 27 13.03 5.67 14.39
C ALA A 27 13.49 6.26 15.70
N HIS A 28 14.38 7.25 15.63
CA HIS A 28 14.75 8.06 16.77
C HIS A 28 13.51 8.59 17.46
N PRO A 29 13.54 8.62 18.79
CA PRO A 29 12.34 9.05 19.55
C PRO A 29 11.94 10.52 19.37
N ARG A 30 12.74 11.34 18.71
CA ARG A 30 12.48 12.78 18.69
C ARG A 30 11.27 13.17 17.81
N TYR A 31 10.93 12.33 16.83
CA TYR A 31 9.89 12.69 15.86
C TYR A 31 8.51 12.70 16.51
N THR A 32 7.71 13.66 16.08
CA THR A 32 6.32 13.78 16.52
C THR A 32 5.58 12.50 16.20
N ARG A 33 4.77 12.04 17.14
CA ARG A 33 3.98 10.85 16.94
C ARG A 33 2.56 11.22 16.50
N MSE A 34 1.92 10.30 15.81
CA MSE A 34 0.63 10.57 15.18
C MSE A 34 -0.05 9.26 14.80
O MSE A 34 0.60 8.22 14.56
CB MSE A 34 0.81 11.47 13.93
CG MSE A 34 1.81 10.92 12.96
SE MSE A 34 2.20 12.20 11.53
CE MSE A 34 2.98 13.59 12.65
H MSE A 34 2.20 9.50 15.67
HA MSE A 34 0.06 11.05 15.81
HB2 MSE A 34 -0.04 11.56 13.47
HB3 MSE A 34 1.12 12.34 14.22
HG2 MSE A 34 2.64 10.72 13.42
HG3 MSE A 34 1.44 10.11 12.56
HE1 MSE A 34 3.36 14.28 12.08
HE2 MSE A 34 2.29 13.99 13.20
HE3 MSE A 34 3.67 13.21 13.21
N ILE A 35 -1.37 9.28 14.71
CA ILE A 35 -2.05 8.11 14.09
C ILE A 35 -1.60 7.95 12.63
N GLY A 36 -1.38 6.72 12.17
CA GLY A 36 -0.99 6.56 10.76
C GLY A 36 -2.06 7.06 9.80
N LEU A 37 -1.64 7.38 8.58
CA LEU A 37 -2.53 8.07 7.64
C LEU A 37 -3.70 7.20 7.16
N TYR A 38 -3.43 5.94 6.78
CA TYR A 38 -4.55 5.08 6.36
C TYR A 38 -5.40 4.70 7.57
N ASP A 39 -4.79 4.71 8.74
CA ASP A 39 -5.53 4.42 9.94
C ASP A 39 -6.60 5.51 10.11
N GLU A 40 -6.22 6.75 9.80
CA GLU A 40 -7.15 7.89 9.95
C GLU A 40 -8.21 7.80 8.89
N ASN A 41 -7.88 7.28 7.71
CA ASN A 41 -8.90 7.07 6.67
C ASN A 41 -9.96 6.07 7.21
N ALA A 42 -9.47 5.01 7.87
CA ALA A 42 -10.34 4.00 8.44
C ALA A 42 -11.21 4.56 9.57
N VAL A 43 -10.62 5.37 10.45
CA VAL A 43 -11.40 6.04 11.50
C VAL A 43 -12.49 6.89 10.83
N GLU A 44 -12.13 7.64 9.81
CA GLU A 44 -13.10 8.52 9.16
C GLU A 44 -14.26 7.73 8.58
N LEU A 45 -13.95 6.60 7.96
CA LEU A 45 -14.99 5.77 7.39
C LEU A 45 -15.88 5.25 8.53
N GLY A 46 -15.25 4.89 9.64
CA GLY A 46 -15.98 4.40 10.78
C GLY A 46 -16.93 5.43 11.34
N VAL A 47 -16.46 6.67 11.42
CA VAL A 47 -17.29 7.77 11.93
C VAL A 47 -18.44 7.97 10.93
N GLN A 48 -18.18 7.92 9.63
CA GLN A 48 -19.28 8.08 8.65
C GLN A 48 -20.34 6.99 8.81
N LEU A 49 -19.87 5.77 9.11
CA LEU A 49 -20.81 4.66 9.37
C LEU A 49 -21.58 4.89 10.65
N LYS A 50 -20.89 5.35 11.69
CA LYS A 50 -21.57 5.71 12.94
C LYS A 50 -22.67 6.74 12.66
N GLU A 51 -22.33 7.76 11.90
CA GLU A 51 -23.31 8.81 11.57
C GLU A 51 -24.52 8.29 10.82
N LYS A 52 -24.32 7.34 9.92
CA LYS A 52 -25.39 6.83 9.07
C LYS A 52 -26.25 5.79 9.77
N LEU A 53 -25.62 5.02 10.64
CA LEU A 53 -26.24 3.84 11.16
C LEU A 53 -26.60 3.92 12.66
N GLY A 54 -26.06 4.89 13.40
CA GLY A 54 -26.27 4.94 14.85
C GLY A 54 -25.40 3.94 15.62
N ALA A 55 -24.34 3.49 14.99
CA ALA A 55 -23.47 2.46 15.56
C ALA A 55 -22.53 3.01 16.62
N ASP A 56 -22.07 2.13 17.49
CA ASP A 56 -20.94 2.45 18.35
C ASP A 56 -19.68 2.27 17.51
N LEU A 57 -18.67 3.07 17.82
CA LEU A 57 -17.38 3.06 17.13
C LEU A 57 -16.29 2.97 18.17
N THR A 58 -15.62 1.81 18.19
CA THR A 58 -14.62 1.47 19.19
C THR A 58 -13.25 1.38 18.52
N VAL A 59 -12.32 2.20 18.97
CA VAL A 59 -10.96 2.22 18.45
C VAL A 59 -10.14 1.23 19.25
N VAL A 60 -9.45 0.31 18.61
CA VAL A 60 -8.65 -0.68 19.29
C VAL A 60 -7.20 -0.55 18.83
N SER A 61 -6.26 -0.56 19.78
CA SER A 61 -4.86 -0.37 19.45
C SER A 61 -3.99 -1.25 20.34
N TYR A 62 -2.84 -1.59 19.80
CA TYR A 62 -1.79 -2.28 20.51
C TYR A 62 -0.57 -1.43 20.48
N GLY A 63 -0.10 -0.98 21.63
CA GLY A 63 1.06 -0.10 21.61
C GLY A 63 1.39 0.51 22.96
N ARG A 64 1.91 1.72 22.92
CA ARG A 64 2.47 2.38 24.12
C ARG A 64 1.42 3.07 24.89
N ASN A 65 1.53 3.02 26.21
CA ASN A 65 0.61 3.76 27.06
C ASN A 65 0.61 5.23 26.68
N ASP A 66 1.77 5.80 26.32
CA ASP A 66 1.74 7.24 26.12
C ASP A 66 1.29 7.59 24.71
N ASP A 67 0.80 6.65 23.93
CA ASP A 67 0.18 7.00 22.68
C ASP A 67 -1.32 7.21 22.81
N VAL A 68 -1.85 7.09 24.03
CA VAL A 68 -3.27 7.39 24.24
C VAL A 68 -3.59 8.81 23.82
N GLN A 69 -2.70 9.76 24.15
CA GLN A 69 -2.98 11.16 23.83
C GLN A 69 -3.20 11.33 22.32
N PHE A 70 -2.53 10.53 21.49
CA PHE A 70 -2.71 10.59 20.05
C PHE A 70 -3.90 9.83 19.57
N LEU A 71 -4.19 8.69 20.19
CA LEU A 71 -5.39 7.95 19.86
C LEU A 71 -6.64 8.76 20.20
N ARG A 72 -6.55 9.69 21.14
CA ARG A 72 -7.74 10.46 21.49
C ARG A 72 -8.19 11.36 20.31
N LYS A 73 -7.33 11.59 19.33
CA LYS A 73 -7.78 12.30 18.13
C LYS A 73 -8.99 11.58 17.48
N ALA A 74 -8.95 10.25 17.49
CA ALA A 74 -10.07 9.45 16.98
C ALA A 74 -11.33 9.69 17.76
N LEU A 75 -11.20 9.88 19.07
CA LEU A 75 -12.36 10.19 19.88
C LEU A 75 -12.92 11.57 19.49
N ALA A 76 -12.02 12.53 19.19
CA ALA A 76 -12.48 13.87 18.86
C ALA A 76 -13.12 13.88 17.49
N MSE A 77 -12.69 12.96 16.61
CA MSE A 77 -13.30 12.83 15.29
C MSE A 77 -14.69 12.19 15.37
O MSE A 77 -15.52 12.34 14.45
CB MSE A 77 -12.39 11.98 14.36
CG MSE A 77 -11.08 12.66 13.97
SE MSE A 77 -9.86 11.40 13.12
CE MSE A 77 -10.98 10.99 11.60
H MSE A 77 -12.05 12.42 16.77
HA MSE A 77 -13.39 13.70 14.90
HB2 MSE A 77 -12.17 11.15 14.82
HB3 MSE A 77 -12.88 11.79 13.55
HG2 MSE A 77 -11.26 13.38 13.34
HG3 MSE A 77 -10.64 13.01 14.77
HE1 MSE A 77 -10.51 10.38 11.02
HE2 MSE A 77 -11.81 10.58 11.91
HE3 MSE A 77 -11.18 11.81 11.12
N GLY A 78 -14.93 11.43 16.43
CA GLY A 78 -16.26 10.86 16.63
C GLY A 78 -16.31 9.45 17.21
N ALA A 79 -15.17 8.79 17.43
CA ALA A 79 -15.20 7.46 18.04
C ALA A 79 -15.68 7.55 19.50
N ASP A 80 -16.27 6.47 19.96
CA ASP A 80 -16.85 6.45 21.32
C ASP A 80 -15.86 6.08 22.41
N LYS A 81 -14.95 5.18 22.14
CA LYS A 81 -13.95 4.78 23.13
C LYS A 81 -12.70 4.22 22.47
N VAL A 82 -11.61 4.24 23.22
CA VAL A 82 -10.35 3.63 22.85
C VAL A 82 -10.06 2.47 23.79
N VAL A 83 -9.62 1.34 23.20
CA VAL A 83 -9.17 0.19 23.97
C VAL A 83 -7.72 -0.01 23.59
N LEU A 84 -6.81 0.13 24.56
CA LEU A 84 -5.39 0.01 24.25
C LEU A 84 -4.76 -1.15 24.98
N VAL A 85 -4.18 -2.09 24.22
CA VAL A 85 -3.41 -3.16 24.80
C VAL A 85 -1.97 -2.70 24.85
N GLU A 86 -1.35 -2.71 26.03
CA GLU A 86 0.01 -2.18 26.17
CA GLU A 86 0.00 -2.18 26.19
C GLU A 86 1.02 -3.20 25.68
N GLY A 87 1.89 -2.82 24.77
CA GLY A 87 2.90 -3.75 24.27
C GLY A 87 3.81 -3.06 23.26
N ASP A 88 4.94 -3.70 22.95
CA ASP A 88 5.96 -3.07 22.10
C ASP A 88 6.40 -3.96 20.94
N SER A 89 5.67 -5.04 20.67
CA SER A 89 6.05 -5.90 19.55
C SER A 89 5.72 -5.31 18.18
N ASP A 90 6.60 -5.56 17.20
CA ASP A 90 6.35 -5.27 15.80
C ASP A 90 5.88 -6.49 15.04
N ASP A 91 5.82 -7.64 15.71
CA ASP A 91 5.51 -8.88 15.04
C ASP A 91 4.02 -8.94 14.70
N PRO A 92 3.67 -9.28 13.46
CA PRO A 92 2.27 -9.21 13.05
C PRO A 92 1.39 -10.21 13.76
N TYR A 93 1.96 -11.37 14.09
CA TYR A 93 1.15 -12.37 14.79
C TYR A 93 0.93 -11.92 16.25
N VAL A 94 1.95 -11.36 16.89
CA VAL A 94 1.78 -10.88 18.24
C VAL A 94 0.75 -9.74 18.30
N ILE A 95 0.87 -8.80 17.34
CA ILE A 95 -0.05 -7.67 17.26
C ILE A 95 -1.46 -8.15 17.03
N ALA A 96 -1.62 -9.02 16.04
CA ALA A 96 -2.95 -9.48 15.70
C ALA A 96 -3.59 -10.27 16.83
N ALA A 97 -2.82 -11.13 17.48
CA ALA A 97 -3.36 -11.91 18.60
C ALA A 97 -3.82 -10.99 19.73
N ASN A 98 -3.07 -9.93 19.99
CA ASN A 98 -3.47 -9.00 21.05
C ASN A 98 -4.68 -8.18 20.64
N LEU A 99 -4.74 -7.75 19.37
CA LEU A 99 -5.95 -7.08 18.89
C LEU A 99 -7.18 -8.01 18.95
N LYS A 100 -6.99 -9.29 18.68
CA LYS A 100 -8.07 -10.25 18.75
C LYS A 100 -8.54 -10.38 20.20
N ASP A 101 -7.60 -10.40 21.13
CA ASP A 101 -8.03 -10.50 22.53
C ASP A 101 -8.86 -9.28 22.97
N ALA A 102 -8.47 -8.10 22.53
CA ALA A 102 -9.17 -6.88 22.86
C ALA A 102 -10.53 -6.90 22.20
N ILE A 103 -10.59 -7.37 20.97
CA ILE A 103 -11.85 -7.37 20.25
C ILE A 103 -12.84 -8.36 20.91
N ASP A 104 -12.31 -9.48 21.37
CA ASP A 104 -13.14 -10.51 22.03
C ASP A 104 -13.76 -10.03 23.34
N ARG A 105 -13.23 -8.91 23.87
CA ARG A 105 -13.77 -8.31 25.09
C ARG A 105 -14.80 -7.19 24.83
N GLN A 106 -15.12 -6.95 23.56
CA GLN A 106 -16.13 -5.96 23.21
C GLN A 106 -17.50 -6.47 22.85
N GLY A 107 -17.94 -7.64 23.35
CA GLY A 107 -19.26 -8.09 23.01
C GLY A 107 -19.37 -8.41 21.54
N THR A 108 -20.48 -8.06 20.92
CA THR A 108 -20.66 -8.35 19.51
C THR A 108 -20.11 -7.21 18.67
N VAL A 109 -19.26 -7.57 17.71
CA VAL A 109 -18.65 -6.61 16.79
C VAL A 109 -19.13 -6.92 15.37
N ASP A 110 -19.70 -5.95 14.67
CA ASP A 110 -20.32 -6.22 13.39
C ASP A 110 -19.37 -6.05 12.18
N LEU A 111 -18.33 -5.28 12.36
CA LEU A 111 -17.39 -4.95 11.28
C LEU A 111 -16.08 -4.42 11.89
N ILE A 112 -14.97 -4.77 11.25
CA ILE A 112 -13.65 -4.34 11.69
C ILE A 112 -12.98 -3.62 10.54
N LEU A 113 -12.50 -2.39 10.78
CA LEU A 113 -11.80 -1.58 9.80
C LEU A 113 -10.36 -1.37 10.21
N ALA A 114 -9.48 -1.20 9.23
CA ALA A 114 -8.05 -1.05 9.50
C ALA A 114 -7.49 -0.24 8.32
N GLY A 115 -6.30 0.33 8.49
CA GLY A 115 -5.63 0.97 7.35
C GLY A 115 -5.08 -0.03 6.34
N ARG A 116 -4.97 0.39 5.08
CA ARG A 116 -4.37 -0.44 4.03
C ARG A 116 -3.00 -0.95 4.46
N GLN A 117 -2.22 -0.05 5.02
CA GLN A 117 -0.94 -0.38 5.58
C GLN A 117 -0.58 0.65 6.64
N SER A 118 0.19 0.23 7.63
CA SER A 118 0.63 1.13 8.66
C SER A 118 1.62 2.12 8.11
N SER A 119 1.78 3.20 8.85
CA SER A 119 2.61 4.28 8.34
C SER A 119 4.05 4.21 8.81
N ASP A 120 4.39 3.11 9.49
CA ASP A 120 5.79 2.86 9.81
C ASP A 120 6.27 1.53 9.29
N MSE A 121 5.43 0.52 9.28
CA MSE A 121 5.89 -0.79 8.81
C MSE A 121 5.60 -1.05 7.33
O MSE A 121 6.21 -1.96 6.74
CB MSE A 121 5.31 -1.94 9.67
CG MSE A 121 5.69 -1.93 11.14
SE MSE A 121 7.55 -2.28 11.56
CE MSE A 121 8.22 -0.45 11.73
H MSE A 121 4.60 0.55 9.53
HA MSE A 121 6.85 -0.83 8.93
HB2 MSE A 121 4.34 -1.91 9.62
HB3 MSE A 121 5.61 -2.79 9.31
HG2 MSE A 121 5.47 -1.05 11.50
HG3 MSE A 121 5.16 -2.61 11.60
HE1 MSE A 121 9.16 -0.49 11.98
HE2 MSE A 121 8.13 0.01 10.88
HE3 MSE A 121 7.72 0.01 12.42
N ASP A 122 4.77 -0.26 6.66
N ASP A 122 4.58 -0.32 6.85
CA ASP A 122 4.68 -0.31 5.18
CA ASP A 122 4.14 -0.28 5.46
C ASP A 122 4.11 -1.69 4.67
C ASP A 122 4.18 -1.67 4.88
N ARG A 123 3.35 -2.50 5.46
CA ARG A 123 3.26 -3.92 5.07
C ARG A 123 1.90 -4.49 4.75
N GLY A 124 0.83 -3.95 5.28
CA GLY A 124 -0.47 -4.48 4.93
C GLY A 124 -0.60 -5.97 5.27
N VAL A 125 -0.20 -6.36 6.47
CA VAL A 125 -0.25 -7.74 6.93
C VAL A 125 -1.20 -7.93 8.11
N VAL A 126 -1.20 -6.99 9.04
CA VAL A 126 -1.89 -7.21 10.31
C VAL A 126 -3.39 -7.45 10.13
N PRO A 127 -4.06 -6.71 9.24
CA PRO A 127 -5.51 -6.91 9.08
C PRO A 127 -5.86 -8.30 8.52
N GLY A 128 -5.11 -8.81 7.55
CA GLY A 128 -5.32 -10.15 7.02
C GLY A 128 -5.01 -11.27 8.03
N VAL A 129 -3.96 -11.08 8.82
CA VAL A 129 -3.58 -12.06 9.84
C VAL A 129 -4.69 -12.06 10.90
N LEU A 130 -5.13 -10.89 11.32
CA LEU A 130 -6.24 -10.85 12.27
C LEU A 130 -7.53 -11.50 11.73
N ALA A 131 -7.88 -11.23 10.48
CA ALA A 131 -9.04 -11.86 9.84
C ALA A 131 -8.93 -13.39 9.90
N GLY A 132 -7.74 -13.91 9.60
CA GLY A 132 -7.51 -15.36 9.70
C GLY A 132 -7.76 -15.87 11.11
N MSE A 133 -7.20 -15.19 12.09
CA MSE A 133 -7.32 -15.61 13.50
C MSE A 133 -8.78 -15.55 14.00
O MSE A 133 -9.17 -16.36 14.86
CB MSE A 133 -6.45 -14.73 14.41
CG MSE A 133 -4.99 -14.89 14.15
SE MSE A 133 -4.10 -13.73 15.46
CE MSE A 133 -2.29 -14.28 15.12
H MSE A 133 -6.74 -14.46 11.99
HA MSE A 133 -7.00 -16.52 13.58
HB2 MSE A 133 -6.68 -13.80 14.26
HB3 MSE A 133 -6.62 -14.97 15.33
HG2 MSE A 133 -4.71 -15.80 14.29
HG3 MSE A 133 -4.76 -14.59 13.25
HE1 MSE A 133 -1.72 -13.88 15.78
HE2 MSE A 133 -2.25 -15.24 15.19
HE3 MSE A 133 -2.04 -14.00 14.23
N LEU A 134 -9.54 -14.60 13.46
CA LEU A 134 -10.95 -14.40 13.79
C LEU A 134 -11.87 -15.27 12.92
N ASP A 135 -11.29 -15.96 11.94
CA ASP A 135 -12.03 -16.74 10.96
C ASP A 135 -13.12 -15.89 10.27
N LEU A 136 -12.71 -14.70 9.84
CA LEU A 136 -13.61 -13.80 9.14
C LEU A 136 -13.07 -13.44 7.76
N PRO A 137 -13.96 -13.17 6.81
CA PRO A 137 -13.51 -12.69 5.49
C PRO A 137 -12.72 -11.41 5.58
N PHE A 138 -11.61 -11.37 4.81
CA PHE A 138 -10.80 -10.18 4.68
C PHE A 138 -11.01 -9.51 3.29
N VAL A 139 -11.22 -8.20 3.27
CA VAL A 139 -11.30 -7.42 2.04
C VAL A 139 -10.26 -6.33 2.09
N PRO A 140 -9.18 -6.46 1.32
CA PRO A 140 -8.19 -5.37 1.27
C PRO A 140 -8.60 -4.19 0.38
N GLN A 141 -8.06 -3.02 0.73
CA GLN A 141 -8.13 -1.84 -0.14
C GLN A 141 -9.55 -1.43 -0.49
N ALA A 142 -10.42 -1.50 0.50
CA ALA A 142 -11.78 -0.97 0.38
C ALA A 142 -11.74 0.54 0.47
N CYS A 143 -12.55 1.21 -0.32
CA CYS A 143 -12.58 2.66 -0.26
C CYS A 143 -13.95 3.18 0.16
N SER A 144 -14.97 2.34 0.13
CA SER A 144 -16.30 2.75 0.60
C SER A 144 -17.03 1.54 1.09
N VAL A 145 -17.95 1.78 2.01
CA VAL A 145 -18.66 0.70 2.69
C VAL A 145 -20.09 1.17 2.99
N GLU A 146 -21.04 0.32 2.70
CA GLU A 146 -22.45 0.62 2.94
C GLU A 146 -23.13 -0.58 3.57
N SER A 147 -23.80 -0.37 4.69
CA SER A 147 -24.63 -1.42 5.28
C SER A 147 -25.85 -1.72 4.43
N VAL A 148 -26.03 -3.01 4.13
CA VAL A 148 -27.23 -3.49 3.41
C VAL A 148 -27.78 -4.75 4.08
N ASP A 149 -28.94 -5.19 3.63
CA ASP A 149 -29.51 -6.42 4.14
C ASP A 149 -28.51 -7.55 3.92
N GLY A 150 -28.13 -8.17 5.03
CA GLY A 150 -27.27 -9.33 5.02
C GLY A 150 -25.79 -9.04 5.13
N GLY A 151 -25.39 -7.76 5.06
CA GLY A 151 -23.98 -7.49 5.10
C GLY A 151 -23.60 -6.11 4.59
N TRP A 152 -22.63 -6.04 3.68
CA TRP A 152 -21.97 -4.79 3.33
C TRP A 152 -21.72 -4.70 1.82
N LYS A 153 -22.08 -3.59 1.21
CA LYS A 153 -21.68 -3.27 -0.16
C LYS A 153 -20.41 -2.48 -0.09
N ILE A 154 -19.39 -2.95 -0.80
CA ILE A 154 -18.05 -2.46 -0.60
C ILE A 154 -17.45 -2.16 -1.96
N SER A 155 -16.85 -0.98 -2.10
CA SER A 155 -16.09 -0.67 -3.32
CA SER A 155 -16.08 -0.64 -3.31
C SER A 155 -14.62 -0.87 -2.97
N GLN A 156 -13.90 -1.58 -3.84
CA GLN A 156 -12.51 -1.94 -3.63
C GLN A 156 -11.68 -1.33 -4.77
N ILE A 157 -10.54 -0.75 -4.44
CA ILE A 157 -9.64 -0.20 -5.44
C ILE A 157 -8.69 -1.31 -5.85
N THR A 158 -8.62 -1.57 -7.15
CA THR A 158 -7.74 -2.60 -7.70
C THR A 158 -6.65 -1.92 -8.51
N GLU A 159 -5.83 -2.69 -9.21
CA GLU A 159 -4.70 -2.08 -9.91
C GLU A 159 -5.14 -1.49 -11.26
N THR A 160 -6.35 -1.81 -11.71
CA THR A 160 -6.83 -1.36 -13.03
C THR A 160 -8.13 -0.57 -12.92
N GLY A 161 -8.72 -0.53 -11.73
CA GLY A 161 -10.01 0.13 -11.54
C GLY A 161 -10.59 -0.13 -10.17
N LYS A 162 -11.83 -0.59 -10.13
CA LYS A 162 -12.44 -0.93 -8.86
C LYS A 162 -13.35 -2.13 -9.05
N ARG A 163 -13.60 -2.80 -7.94
CA ARG A 163 -14.53 -3.92 -7.83
C ARG A 163 -15.62 -3.52 -6.88
N LEU A 164 -16.85 -3.84 -7.23
CA LEU A 164 -18.01 -3.68 -6.36
C LEU A 164 -18.31 -5.08 -5.83
N LEU A 165 -18.27 -5.17 -4.50
CA LEU A 165 -18.42 -6.40 -3.74
C LEU A 165 -19.61 -6.36 -2.78
N LYS A 166 -20.22 -7.50 -2.53
CA LYS A 166 -21.12 -7.66 -1.39
C LYS A 166 -20.58 -8.70 -0.44
N LEU A 167 -20.30 -8.28 0.77
CA LEU A 167 -19.88 -9.16 1.86
C LEU A 167 -21.09 -9.59 2.66
N SER A 168 -21.24 -10.91 2.83
CA SER A 168 -22.29 -11.45 3.71
C SER A 168 -21.74 -11.61 5.10
N GLY A 169 -22.36 -10.93 6.05
CA GLY A 169 -21.90 -11.02 7.42
C GLY A 169 -20.75 -10.12 7.80
N LYS A 170 -20.11 -10.49 8.90
CA LYS A 170 -18.99 -9.77 9.46
C LYS A 170 -17.74 -9.91 8.59
N GLY A 171 -16.82 -8.99 8.76
CA GLY A 171 -15.54 -9.03 8.05
C GLY A 171 -14.55 -8.04 8.60
N VAL A 172 -13.34 -8.13 8.04
CA VAL A 172 -12.25 -7.24 8.31
C VAL A 172 -11.93 -6.54 6.98
N LEU A 173 -12.01 -5.22 6.97
CA LEU A 173 -11.72 -4.44 5.75
C LEU A 173 -10.51 -3.58 5.99
N SER A 174 -9.55 -3.56 5.05
CA SER A 174 -8.51 -2.53 5.13
C SER A 174 -8.87 -1.44 4.15
N ILE A 175 -8.59 -0.22 4.53
CA ILE A 175 -9.11 0.97 3.90
C ILE A 175 -8.04 1.74 3.16
N THR A 176 -8.34 2.09 1.90
CA THR A 176 -7.42 2.87 1.08
C THR A 176 -8.03 4.29 0.95
N SER A 177 -7.23 5.23 0.48
CA SER A 177 -7.65 6.64 0.48
C SER A 177 -8.39 7.07 -0.79
N VAL A 178 -9.49 7.79 -0.61
CA VAL A 178 -10.23 8.44 -1.70
C VAL A 178 -10.70 9.77 -1.15
N PRO A 179 -11.19 10.67 -2.02
CA PRO A 179 -11.59 11.95 -1.47
C PRO A 179 -12.64 11.86 -0.39
N GLU A 180 -13.51 10.87 -0.54
CA GLU A 180 -14.64 10.73 0.39
C GLU A 180 -14.25 10.23 1.79
N ASN A 181 -13.01 9.81 2.02
CA ASN A 181 -12.60 9.44 3.38
C ASN A 181 -11.34 10.15 3.88
N VAL A 182 -11.06 11.32 3.29
CA VAL A 182 -10.09 12.21 3.85
C VAL A 182 -10.52 12.51 5.28
N PRO A 183 -9.60 12.40 6.22
CA PRO A 183 -10.08 12.57 7.60
C PRO A 183 -10.48 14.00 7.96
N ARG A 184 -11.62 14.11 8.63
CA ARG A 184 -12.03 15.37 9.20
C ARG A 184 -11.04 15.87 10.25
N ILE A 185 -11.01 17.19 10.40
CA ILE A 185 -10.11 17.87 11.31
C ILE A 185 -10.91 18.33 12.52
N PRO A 186 -10.69 17.67 13.69
CA PRO A 186 -11.56 18.04 14.81
C PRO A 186 -11.25 19.41 15.39
N ALA A 187 -12.30 20.10 15.86
CA ALA A 187 -12.13 21.39 16.49
C ALA A 187 -11.29 21.30 17.76
N VAL A 188 -10.63 22.40 18.10
CA VAL A 188 -9.89 22.51 19.36
C VAL A 188 -10.75 22.15 20.56
N LYS A 189 -11.98 22.64 20.59
CA LYS A 189 -12.90 22.27 21.68
C LYS A 189 -13.30 20.79 21.71
N ALA A 190 -13.35 20.16 20.54
CA ALA A 190 -13.65 18.72 20.44
C ALA A 190 -12.46 17.94 20.97
N ILE A 191 -11.26 18.40 20.65
CA ILE A 191 -10.07 17.77 21.20
C ILE A 191 -10.08 17.86 22.74
N PHE A 192 -10.42 19.02 23.27
CA PHE A 192 -10.41 19.20 24.71
C PHE A 192 -11.45 18.25 25.33
N ALA A 193 -12.63 18.23 24.74
CA ALA A 193 -13.70 17.38 25.26
C ALA A 193 -13.33 15.89 25.17
N ALA A 194 -12.57 15.51 24.17
CA ALA A 194 -12.17 14.11 24.00
C ALA A 194 -11.25 13.61 25.12
N LYS A 195 -10.66 14.54 25.87
CA LYS A 195 -9.84 14.15 27.01
C LYS A 195 -10.64 13.38 28.06
N LYS A 196 -11.95 13.61 28.09
CA LYS A 196 -12.83 12.93 29.04
C LYS A 196 -13.44 11.62 28.54
N LYS A 197 -13.30 11.31 27.26
CA LYS A 197 -13.96 10.15 26.71
C LYS A 197 -13.20 8.87 27.13
N PRO A 198 -13.89 7.73 27.13
CA PRO A 198 -13.36 6.50 27.73
C PRO A 198 -12.16 5.90 27.04
N VAL A 199 -11.18 5.53 27.85
CA VAL A 199 -10.02 4.78 27.41
C VAL A 199 -9.88 3.57 28.34
N GLU A 200 -9.89 2.38 27.77
CA GLU A 200 -9.72 1.14 28.52
C GLU A 200 -8.36 0.57 28.21
N LYS A 201 -7.60 0.24 29.25
CA LYS A 201 -6.25 -0.32 29.06
C LYS A 201 -6.29 -1.82 29.40
N LEU A 202 -5.64 -2.62 28.59
CA LEU A 202 -5.50 -4.04 28.79
C LEU A 202 -4.03 -4.42 28.78
N PRO A 203 -3.69 -5.42 29.57
CA PRO A 203 -2.32 -5.96 29.58
C PRO A 203 -2.10 -6.88 28.37
N GLU A 204 -0.87 -6.98 27.92
CA GLU A 204 -0.50 -7.83 26.79
C GLU A 204 -0.64 -9.31 27.14
N ILE A 205 -1.06 -10.13 26.18
CA ILE A 205 -1.22 -11.57 26.40
C ILE A 205 0.00 -12.35 25.94
N GLY A 206 0.10 -13.59 26.38
CA GLY A 206 1.21 -14.42 25.93
C GLY A 206 0.80 -15.08 24.64
N THR A 207 1.65 -14.97 23.64
CA THR A 207 1.32 -15.53 22.34
C THR A 207 2.60 -15.63 21.51
N GLY A 208 2.61 -16.53 20.51
CA GLY A 208 3.80 -16.78 19.71
C GLY A 208 4.16 -15.72 18.65
N LYS A 209 5.43 -15.66 18.31
CA LYS A 209 5.89 -14.75 17.26
C LYS A 209 6.33 -15.54 16.03
N MSE A 210 6.60 -14.84 14.94
CA MSE A 210 7.12 -15.45 13.72
C MSE A 210 8.58 -15.83 13.80
O MSE A 210 9.39 -15.04 14.30
CB MSE A 210 6.97 -14.46 12.54
CG MSE A 210 5.60 -13.94 12.35
SE MSE A 210 5.39 -13.03 10.64
CE MSE A 210 7.02 -11.99 10.41
H MSE A 210 6.49 -13.99 14.88
HA MSE A 210 6.60 -16.24 13.52
HB2 MSE A 210 7.55 -13.70 12.69
HB3 MSE A 210 7.23 -14.91 11.72
HG2 MSE A 210 4.97 -14.68 12.37
HG3 MSE A 210 5.39 -13.31 13.06
HE1 MSE A 210 6.96 -11.50 9.58
HE2 MSE A 210 7.10 -11.36 11.15
HE3 MSE A 210 7.77 -12.59 10.40
N ALA A 211 8.93 -16.98 13.21
CA ALA A 211 10.31 -17.42 13.18
C ALA A 211 11.03 -16.74 12.01
N VAL A 212 11.22 -15.44 12.14
CA VAL A 212 12.00 -14.67 11.15
C VAL A 212 12.93 -13.79 11.95
N SER A 213 14.15 -13.58 11.45
CA SER A 213 15.10 -12.71 12.13
C SER A 213 15.32 -11.47 11.32
N GLU A 214 15.21 -10.33 11.99
CA GLU A 214 15.52 -9.03 11.35
C GLU A 214 17.01 -8.81 11.48
N LEU A 215 17.72 -8.82 10.37
CA LEU A 215 19.16 -8.72 10.38
C LEU A 215 19.66 -7.28 10.54
N SER A 216 19.02 -6.33 9.86
CA SER A 216 19.53 -4.98 9.80
C SER A 216 18.47 -4.07 9.23
N VAL A 217 18.56 -2.79 9.58
CA VAL A 217 17.77 -1.76 8.96
C VAL A 217 18.71 -0.58 8.65
N SER A 218 18.60 -0.05 7.46
CA SER A 218 19.41 1.11 7.03
C SER A 218 18.59 2.13 6.30
N ILE A 219 19.14 3.34 6.26
CA ILE A 219 18.53 4.47 5.59
CA ILE A 219 18.54 4.49 5.60
C ILE A 219 19.40 4.93 4.43
N PRO A 220 19.00 4.60 3.21
CA PRO A 220 19.77 5.07 2.05
C PRO A 220 19.78 6.59 1.92
N LYS A 221 20.93 7.14 1.54
CA LYS A 221 20.99 8.57 1.29
C LYS A 221 20.16 8.92 0.09
N VAL A 222 19.58 10.12 0.13
CA VAL A 222 18.78 10.69 -0.94
C VAL A 222 19.42 12.03 -1.29
N GLU A 223 20.28 12.02 -2.30
CA GLU A 223 20.93 13.25 -2.73
C GLU A 223 21.35 13.13 -4.19
N SER A 224 20.60 13.81 -5.04
CA SER A 224 20.81 13.73 -6.47
C SER A 224 21.71 14.84 -6.99
N ASN A 225 22.06 15.83 -6.16
CA ASN A 225 22.89 16.96 -6.65
C ASN A 225 22.24 17.65 -7.83
N CYS A 226 20.99 18.04 -7.62
CA CYS A 226 20.15 18.64 -8.63
C CYS A 226 20.78 19.85 -9.22
N GLU A 227 20.66 19.94 -10.53
CA GLU A 227 21.05 21.11 -11.27
C GLU A 227 19.91 22.10 -11.23
N LEU A 228 20.06 23.11 -10.41
CA LEU A 228 19.02 24.15 -10.33
C LEU A 228 19.18 25.18 -11.42
N ILE A 229 18.13 25.38 -12.20
CA ILE A 229 18.14 26.32 -13.32
C ILE A 229 17.60 27.67 -12.85
N PRO A 230 18.43 28.73 -12.87
CA PRO A 230 18.00 30.06 -12.46
C PRO A 230 16.68 30.46 -13.11
N ALA A 231 15.66 30.85 -12.34
CA ALA A 231 14.32 31.02 -12.89
C ALA A 231 13.72 32.40 -12.61
N GLU A 232 14.59 33.37 -12.37
CA GLU A 232 14.16 34.78 -12.29
C GLU A 232 13.42 35.18 -13.56
N ASP A 233 13.85 34.60 -14.67
CA ASP A 233 13.23 34.80 -15.99
C ASP A 233 12.81 33.43 -16.46
N MSE A 234 11.51 33.17 -16.45
CA MSE A 234 11.03 31.81 -16.68
C MSE A 234 11.21 31.37 -18.14
O MSE A 234 11.41 30.22 -18.42
CB MSE A 234 9.58 31.74 -16.28
CG MSE A 234 9.02 30.36 -16.14
SE MSE A 234 10.08 29.21 -14.94
CE MSE A 234 9.37 29.80 -13.28
H MSE A 234 10.89 33.75 -16.32
HA MSE A 234 11.54 31.21 -16.11
HB2 MSE A 234 9.48 32.18 -15.43
HB3 MSE A 234 9.05 32.19 -16.95
HG2 MSE A 234 8.11 30.41 -15.79
HG3 MSE A 234 9.01 29.93 -17.02
HE1 MSE A 234 9.80 29.32 -12.56
HE2 MSE A 234 9.54 30.75 -13.19
HE3 MSE A 234 8.41 29.64 -13.26
N ASP A 235 11.10 32.29 -19.08
CA ASP A 235 11.36 31.93 -20.48
C ASP A 235 12.81 31.49 -20.68
N ASP A 236 13.74 32.20 -20.04
CA ASP A 236 15.12 31.74 -20.13
C ASP A 236 15.26 30.38 -19.43
N ALA A 237 14.61 30.21 -18.28
CA ALA A 237 14.78 28.96 -17.54
C ALA A 237 14.35 27.76 -18.39
N VAL A 238 13.23 27.86 -19.10
CA VAL A 238 12.76 26.70 -19.86
C VAL A 238 13.59 26.52 -21.10
N ARG A 239 14.17 27.61 -21.62
CA ARG A 239 15.10 27.50 -22.76
C ARG A 239 16.33 26.70 -22.34
N VAL A 240 16.87 27.03 -21.17
CA VAL A 240 18.00 26.30 -20.65
C VAL A 240 17.64 24.82 -20.38
N LEU A 241 16.46 24.61 -19.81
CA LEU A 241 16.03 23.23 -19.50
C LEU A 241 15.97 22.38 -20.77
N LEU A 242 15.33 22.92 -21.81
CA LEU A 242 15.24 22.16 -23.06
C LEU A 242 16.60 21.93 -23.67
N ARG A 243 17.50 22.92 -23.63
CA ARG A 243 18.87 22.68 -24.10
C ARG A 243 19.57 21.56 -23.34
N ARG A 244 19.45 21.57 -22.02
CA ARG A 244 20.12 20.57 -21.19
C ARG A 244 19.51 19.18 -21.42
N LEU A 245 18.20 19.11 -21.61
CA LEU A 245 17.53 17.82 -21.87
C LEU A 245 18.00 17.27 -23.18
N LYS A 246 18.16 18.16 -24.15
CA LYS A 246 18.73 17.78 -25.45
C LYS A 246 20.17 17.28 -25.32
N GLU A 247 20.98 18.00 -24.60
CA GLU A 247 22.40 17.69 -24.45
C GLU A 247 22.58 16.35 -23.78
N GLU A 248 21.76 16.10 -22.77
CA GLU A 248 21.83 14.86 -22.00
C GLU A 248 21.03 13.70 -22.62
N ARG A 249 20.45 13.91 -23.80
CA ARG A 249 19.72 12.90 -24.57
C ARG A 249 18.49 12.32 -23.85
N TYR A 250 17.78 13.18 -23.09
CA TYR A 250 16.58 12.82 -22.40
C TYR A 250 15.35 13.23 -23.20
N LEU A 251 15.49 14.26 -24.03
CA LEU A 251 14.35 14.84 -24.75
C LEU A 251 14.91 15.58 -25.96
N MSE B 1 13.60 -25.68 -2.76
CA MSE B 1 12.53 -26.04 -1.78
C MSE B 1 11.17 -26.07 -2.46
O MSE B 1 10.99 -25.53 -3.54
CB MSE B 1 12.55 -25.06 -0.59
CG MSE B 1 12.18 -23.74 -0.92
SE MSE B 1 12.39 -22.52 0.61
CE MSE B 1 14.28 -22.42 0.85
H1 MSE B 1 14.36 -25.50 -2.33
H2 MSE B 1 13.73 -26.36 -3.33
H3 MSE B 1 13.34 -24.96 -3.22
HA MSE B 1 12.73 -26.92 -1.43
HB2 MSE B 1 11.91 -25.38 0.08
HB3 MSE B 1 13.44 -25.04 -0.22
HG2 MSE B 1 12.75 -23.43 -1.64
HG3 MSE B 1 11.25 -23.71 -1.19
HE1 MSE B 1 14.47 -21.83 1.59
HE2 MSE B 1 14.62 -23.31 1.04
HE3 MSE B 1 14.68 -22.08 0.04
N LYS B 2 10.23 -26.77 -1.85
CA LYS B 2 8.98 -27.01 -2.53
C LYS B 2 8.16 -25.74 -2.55
N THR B 3 7.88 -25.23 -3.75
CA THR B 3 7.36 -23.90 -3.90
C THR B 3 6.03 -23.91 -4.64
N LEU B 4 5.12 -23.08 -4.15
CA LEU B 4 3.81 -22.89 -4.76
C LEU B 4 3.60 -21.42 -5.07
N ILE B 5 3.37 -21.11 -6.33
CA ILE B 5 2.97 -19.76 -6.76
C ILE B 5 1.45 -19.70 -6.81
N ILE B 6 0.85 -18.67 -6.24
CA ILE B 6 -0.61 -18.48 -6.33
C ILE B 6 -0.89 -17.12 -6.93
N GLU B 7 -1.52 -17.11 -8.10
CA GLU B 7 -1.71 -15.89 -8.86
C GLU B 7 -2.78 -16.05 -9.92
N THR B 8 -3.32 -14.94 -10.42
CA THR B 8 -4.13 -14.96 -11.66
C THR B 8 -3.28 -15.38 -12.85
N ALA B 9 -3.92 -15.63 -13.99
CA ALA B 9 -3.23 -16.09 -15.20
C ALA B 9 -2.36 -15.02 -15.89
N ASN B 10 -2.27 -13.83 -15.31
CA ASN B 10 -1.54 -12.69 -15.86
C ASN B 10 -0.04 -12.98 -16.05
N ALA B 11 0.47 -12.96 -17.29
CA ALA B 11 1.84 -13.42 -17.54
C ALA B 11 2.90 -12.47 -16.92
N LYS B 12 2.60 -11.18 -16.83
CA LYS B 12 3.55 -10.24 -16.26
C LYS B 12 3.75 -10.54 -14.78
N ILE B 13 2.65 -10.77 -14.09
CA ILE B 13 2.75 -10.97 -12.64
C ILE B 13 3.27 -12.37 -12.36
N LEU B 14 2.72 -13.36 -13.05
CA LEU B 14 3.26 -14.73 -12.91
C LEU B 14 4.74 -14.77 -13.20
N GLY B 15 5.17 -14.08 -14.24
CA GLY B 15 6.58 -14.06 -14.59
C GLY B 15 7.44 -13.52 -13.46
N GLU B 16 6.95 -12.50 -12.75
CA GLU B 16 7.73 -11.91 -11.66
C GLU B 16 7.84 -12.97 -10.54
N LEU B 17 6.76 -13.69 -10.30
CA LEU B 17 6.80 -14.72 -9.24
C LEU B 17 7.68 -15.90 -9.63
N VAL B 18 7.68 -16.26 -10.90
CA VAL B 18 8.63 -17.30 -11.38
C VAL B 18 10.09 -16.87 -11.16
N THR B 19 10.44 -15.62 -11.52
CA THR B 19 11.77 -15.13 -11.23
C THR B 19 12.15 -15.33 -9.78
N VAL B 20 11.29 -14.94 -8.86
CA VAL B 20 11.54 -15.07 -7.45
C VAL B 20 11.71 -16.56 -7.10
N SER B 21 10.83 -17.40 -7.66
CA SER B 21 10.88 -18.83 -7.32
C SER B 21 12.22 -19.43 -7.67
N ARG B 22 12.86 -18.92 -8.74
CA ARG B 22 14.09 -19.54 -9.20
C ARG B 22 15.23 -19.35 -8.18
N LEU B 23 15.10 -18.42 -7.25
CA LEU B 23 16.08 -18.20 -6.24
C LEU B 23 16.04 -19.32 -5.22
N PHE B 24 14.89 -19.96 -5.14
CA PHE B 24 14.62 -20.93 -4.09
C PHE B 24 14.60 -22.40 -4.55
N GLY B 25 14.57 -22.59 -5.86
CA GLY B 25 14.44 -23.94 -6.39
C GLY B 25 14.15 -23.91 -7.88
N GLN B 26 14.00 -25.07 -8.46
CA GLN B 26 13.96 -25.23 -9.91
C GLN B 26 12.58 -25.50 -10.49
N ALA B 27 11.64 -25.91 -9.66
CA ALA B 27 10.39 -26.43 -10.21
C ALA B 27 9.19 -26.03 -9.37
N PRO B 28 8.75 -24.77 -9.54
CA PRO B 28 7.56 -24.42 -8.76
C PRO B 28 6.29 -24.98 -9.34
N ASP B 29 5.33 -25.22 -8.46
CA ASP B 29 3.95 -25.48 -8.85
C ASP B 29 3.12 -24.20 -8.81
N VAL B 30 1.92 -24.23 -9.39
CA VAL B 30 1.12 -23.02 -9.44
CA VAL B 30 1.10 -23.02 -9.50
C VAL B 30 -0.35 -23.34 -9.20
N VAL B 31 -1.00 -22.43 -8.45
CA VAL B 31 -2.45 -22.42 -8.34
C VAL B 31 -2.88 -21.14 -9.07
N VAL B 32 -3.64 -21.27 -10.15
CA VAL B 32 -4.23 -20.15 -10.86
C VAL B 32 -5.57 -19.78 -10.23
N LEU B 33 -5.72 -18.51 -9.93
CA LEU B 33 -6.97 -17.95 -9.44
C LEU B 33 -7.69 -17.34 -10.63
N GLY B 34 -8.86 -17.87 -10.94
CA GLY B 34 -9.69 -17.35 -12.02
C GLY B 34 -9.41 -17.98 -13.38
N SER B 35 -9.85 -17.29 -14.44
CA SER B 35 -9.80 -17.86 -15.76
C SER B 35 -8.53 -17.44 -16.50
N GLY B 36 -8.25 -18.14 -17.59
CA GLY B 36 -7.19 -17.78 -18.51
C GLY B 36 -6.14 -18.88 -18.61
N GLU B 37 -5.67 -19.12 -19.82
CA GLU B 37 -4.67 -20.13 -20.04
C GLU B 37 -3.47 -19.84 -19.17
N LEU B 38 -2.87 -20.92 -18.63
CA LEU B 38 -1.65 -20.82 -17.85
C LEU B 38 -0.41 -20.95 -18.72
N GLN B 39 0.37 -19.90 -18.79
CA GLN B 39 1.59 -19.90 -19.59
C GLN B 39 2.77 -20.34 -18.71
N GLY B 40 3.71 -21.07 -19.32
CA GLY B 40 4.86 -21.60 -18.62
C GLY B 40 4.70 -23.08 -18.43
N SER B 41 5.78 -23.76 -18.04
CA SER B 41 5.78 -25.19 -17.84
C SER B 41 6.10 -25.54 -16.40
N TYR B 42 5.12 -26.09 -15.70
CA TYR B 42 5.24 -26.37 -14.28
C TYR B 42 5.04 -27.86 -14.02
N GLY B 43 5.62 -28.34 -12.93
CA GLY B 43 5.44 -29.74 -12.54
C GLY B 43 3.99 -30.11 -12.29
N LYS B 44 3.28 -29.21 -11.63
CA LYS B 44 1.86 -29.42 -11.32
C LYS B 44 1.18 -28.07 -11.22
N ALA B 45 -0.01 -27.99 -11.81
CA ALA B 45 -0.78 -26.76 -11.71
C ALA B 45 -2.24 -27.02 -11.38
N TYR B 46 -2.79 -26.11 -10.60
CA TYR B 46 -4.17 -26.17 -10.15
C TYR B 46 -4.93 -24.92 -10.53
N ARG B 47 -6.25 -24.97 -10.45
CA ARG B 47 -7.06 -23.80 -10.69
C ARG B 47 -8.22 -23.69 -9.73
N LEU B 48 -8.44 -22.48 -9.20
CA LEU B 48 -9.64 -22.15 -8.42
C LEU B 48 -10.46 -21.13 -9.22
N SER B 49 -11.78 -21.29 -9.32
CA SER B 49 -12.57 -20.45 -10.22
C SER B 49 -12.78 -19.04 -9.67
N ASP B 50 -12.43 -18.82 -8.41
CA ASP B 50 -12.72 -17.55 -7.73
C ASP B 50 -11.42 -16.85 -7.38
N THR B 51 -11.39 -15.52 -7.47
CA THR B 51 -10.19 -14.79 -7.13
C THR B 51 -10.19 -14.16 -5.75
N LEU B 52 -11.28 -14.32 -5.00
CA LEU B 52 -11.37 -13.70 -3.67
C LEU B 52 -11.09 -14.76 -2.60
N GLY B 53 -10.05 -14.52 -1.81
CA GLY B 53 -9.53 -15.48 -0.86
C GLY B 53 -10.58 -15.94 0.11
N ALA B 54 -11.45 -15.03 0.52
CA ALA B 54 -12.50 -15.35 1.48
C ALA B 54 -13.39 -16.45 1.01
N ASN B 55 -13.43 -16.70 -0.30
CA ASN B 55 -14.36 -17.68 -0.87
C ASN B 55 -13.76 -19.07 -1.08
N LEU B 56 -12.53 -19.27 -0.66
CA LEU B 56 -11.83 -20.51 -0.98
C LEU B 56 -12.03 -21.62 0.04
N GLY B 57 -12.52 -21.30 1.22
CA GLY B 57 -12.67 -22.33 2.26
C GLY B 57 -11.30 -22.89 2.59
N SER B 58 -11.25 -24.12 3.11
CA SER B 58 -10.02 -24.64 3.67
C SER B 58 -9.32 -25.61 2.72
N SER B 59 -9.87 -25.84 1.52
CA SER B 59 -9.31 -26.85 0.62
C SER B 59 -7.90 -26.52 0.26
N LEU B 60 -7.66 -25.26 -0.12
CA LEU B 60 -6.35 -24.84 -0.56
C LEU B 60 -5.29 -25.02 0.55
N SER B 61 -5.58 -24.46 1.72
N SER B 61 -5.58 -24.50 1.74
CA SER B 61 -4.68 -24.62 2.85
CA SER B 61 -4.65 -24.63 2.85
C SER B 61 -4.41 -26.10 3.13
C SER B 61 -4.43 -26.10 3.23
N ASP B 62 -5.45 -26.94 3.14
CA ASP B 62 -5.29 -28.36 3.48
C ASP B 62 -4.36 -29.03 2.43
N LEU B 63 -4.52 -28.63 1.17
CA LEU B 63 -3.66 -29.10 0.09
C LEU B 63 -2.22 -28.75 0.35
N ILE B 64 -2.01 -27.48 0.67
CA ILE B 64 -0.65 -26.96 0.92
C ILE B 64 -0.01 -27.76 2.05
N LYS B 65 -0.78 -28.04 3.08
CA LYS B 65 -0.29 -28.89 4.19
C LYS B 65 0.04 -30.31 3.78
N ARG B 66 -0.87 -30.98 3.10
CA ARG B 66 -0.64 -32.33 2.56
C ARG B 66 0.61 -32.48 1.70
N GLU B 67 0.81 -31.49 0.86
CA GLU B 67 1.88 -31.55 -0.14
C GLU B 67 3.19 -31.00 0.41
N ARG B 68 3.14 -30.41 1.60
CA ARG B 68 4.33 -30.02 2.31
C ARG B 68 5.07 -28.94 1.51
N TYR B 69 4.34 -28.00 0.94
CA TYR B 69 4.99 -26.84 0.31
C TYR B 69 5.70 -26.04 1.38
N GLU B 70 6.88 -25.53 1.04
CA GLU B 70 7.72 -24.82 1.99
C GLU B 70 7.73 -23.32 1.76
N LEU B 71 7.39 -22.91 0.54
CA LEU B 71 7.37 -21.51 0.17
C LEU B 71 6.14 -21.26 -0.65
N ILE B 72 5.38 -20.24 -0.26
CA ILE B 72 4.23 -19.80 -1.00
C ILE B 72 4.42 -18.35 -1.45
N LEU B 73 4.30 -18.14 -2.77
CA LEU B 73 4.57 -16.84 -3.40
C LEU B 73 3.33 -16.26 -3.98
N LEU B 74 3.00 -15.06 -3.54
CA LEU B 74 1.88 -14.28 -4.06
C LEU B 74 2.38 -12.87 -4.46
N SER B 75 1.56 -12.14 -5.21
CA SER B 75 1.93 -10.77 -5.54
C SER B 75 1.29 -9.80 -4.58
N THR B 76 1.87 -8.62 -4.52
N THR B 76 1.88 -8.60 -4.52
CA THR B 76 1.29 -7.54 -3.71
CA THR B 76 1.27 -7.47 -3.78
C THR B 76 0.26 -6.83 -4.61
C THR B 76 0.23 -6.80 -4.62
N THR B 77 -0.92 -7.43 -4.70
CA THR B 77 -2.04 -6.98 -5.50
C THR B 77 -3.26 -7.15 -4.61
N ALA B 78 -4.39 -6.53 -4.93
CA ALA B 78 -5.57 -6.74 -4.11
C ALA B 78 -5.90 -8.22 -3.98
N ILE B 79 -5.71 -8.99 -5.05
CA ILE B 79 -6.05 -10.42 -4.99
C ILE B 79 -5.02 -11.18 -4.13
N GLY B 80 -3.72 -10.91 -4.30
CA GLY B 80 -2.67 -11.57 -3.53
C GLY B 80 -2.81 -11.23 -2.05
N SER B 81 -3.02 -9.94 -1.77
CA SER B 81 -3.16 -9.47 -0.40
C SER B 81 -4.42 -10.00 0.27
N GLY B 82 -5.50 -10.21 -0.48
CA GLY B 82 -6.70 -10.80 0.09
C GLY B 82 -6.51 -12.21 0.60
N LEU B 83 -5.48 -12.88 0.08
CA LEU B 83 -5.30 -14.28 0.41
C LEU B 83 -4.15 -14.50 1.40
N ALA B 84 -3.11 -13.72 1.24
CA ALA B 84 -1.80 -14.01 1.85
C ALA B 84 -1.84 -14.11 3.37
N GLY B 85 -2.37 -13.10 4.06
CA GLY B 85 -2.45 -13.11 5.52
C GLY B 85 -3.28 -14.26 6.08
N PRO B 86 -4.52 -14.37 5.63
CA PRO B 86 -5.34 -15.49 6.09
C PRO B 86 -4.73 -16.87 5.78
N LEU B 87 -4.11 -17.03 4.61
CA LEU B 87 -3.51 -18.31 4.25
C LEU B 87 -2.32 -18.59 5.17
N ALA B 88 -1.51 -17.57 5.44
CA ALA B 88 -0.37 -17.79 6.35
C ALA B 88 -0.87 -18.27 7.72
N VAL B 89 -1.91 -17.62 8.24
CA VAL B 89 -2.42 -18.03 9.52
C VAL B 89 -2.90 -19.50 9.51
N SER B 90 -3.57 -19.91 8.44
CA SER B 90 -4.09 -21.26 8.36
C SER B 90 -2.92 -22.28 8.33
N LEU B 91 -1.77 -21.85 7.83
CA LEU B 91 -0.56 -22.68 7.77
C LEU B 91 0.33 -22.55 8.99
N GLY B 92 0.04 -21.57 9.84
CA GLY B 92 0.94 -21.26 10.94
C GLY B 92 2.26 -20.73 10.46
N ALA B 93 2.25 -20.11 9.28
CA ALA B 93 3.46 -19.61 8.60
C ALA B 93 3.80 -18.16 8.89
N PRO B 94 5.11 -17.88 9.01
CA PRO B 94 5.49 -16.50 8.90
C PRO B 94 5.15 -15.92 7.54
N ILE B 95 4.96 -14.61 7.50
CA ILE B 95 4.66 -13.89 6.28
C ILE B 95 5.49 -12.61 6.23
N LEU B 96 6.10 -12.38 5.08
CA LEU B 96 6.76 -11.11 4.78
C LEU B 96 6.20 -10.56 3.48
N SER B 97 5.79 -9.30 3.52
CA SER B 97 5.02 -8.71 2.43
C SER B 97 5.79 -7.61 1.77
N GLU B 98 5.37 -7.29 0.57
CA GLU B 98 5.93 -6.18 -0.18
C GLU B 98 7.42 -6.34 -0.34
N VAL B 99 7.85 -7.56 -0.63
CA VAL B 99 9.26 -7.85 -0.79
C VAL B 99 9.82 -7.16 -2.05
N THR B 100 10.94 -6.45 -1.90
CA THR B 100 11.55 -5.66 -2.96
C THR B 100 12.84 -6.23 -3.50
N ALA B 101 13.49 -7.10 -2.74
CA ALA B 101 14.74 -7.74 -3.23
C ALA B 101 14.99 -9.01 -2.41
N ILE B 102 15.68 -9.96 -3.03
CA ILE B 102 16.12 -11.18 -2.35
C ILE B 102 17.53 -11.49 -2.81
N SER B 103 18.47 -11.54 -1.88
CA SER B 103 19.86 -11.81 -2.22
C SER B 103 20.12 -13.28 -2.50
N PRO B 104 21.27 -13.59 -3.12
CA PRO B 104 21.60 -14.99 -3.41
C PRO B 104 21.57 -15.89 -2.18
N ASP B 105 21.82 -15.35 -0.99
CA ASP B 105 21.78 -16.19 0.22
C ASP B 105 20.43 -16.17 0.90
N LEU B 106 19.44 -15.65 0.17
CA LEU B 106 18.02 -15.61 0.58
C LEU B 106 17.71 -14.62 1.72
N THR B 107 18.55 -13.63 1.87
CA THR B 107 18.18 -12.50 2.68
C THR B 107 17.09 -11.74 1.94
N ILE B 108 15.99 -11.49 2.65
CA ILE B 108 14.80 -10.87 2.07
C ILE B 108 14.73 -9.41 2.52
N GLU B 109 14.58 -8.50 1.55
CA GLU B 109 14.50 -7.06 1.79
C GLU B 109 13.11 -6.53 1.59
N ARG B 110 12.77 -5.55 2.42
CA ARG B 110 11.51 -4.83 2.32
C ARG B 110 11.71 -3.42 2.89
N SER B 111 10.77 -2.53 2.64
CA SER B 111 10.91 -1.14 3.07
CA SER B 111 10.93 -1.14 3.07
C SER B 111 10.23 -0.89 4.41
N LEU B 112 10.68 0.12 5.12
CA LEU B 112 10.05 0.54 6.38
C LEU B 112 10.04 2.08 6.33
N TYR B 113 9.18 2.68 7.13
CA TYR B 113 9.13 4.12 7.35
C TYR B 113 8.89 4.90 6.06
N GLY B 114 7.83 4.50 5.38
CA GLY B 114 7.45 5.23 4.17
C GLY B 114 8.51 5.14 3.07
N SER B 115 9.13 3.98 2.95
CA SER B 115 10.19 3.76 1.98
C SER B 115 11.41 4.66 2.19
N LYS B 116 11.73 5.00 3.44
CA LYS B 116 12.98 5.65 3.78
C LYS B 116 14.03 4.64 4.21
N ALA B 117 13.57 3.51 4.71
CA ALA B 117 14.46 2.52 5.27
C ALA B 117 14.35 1.20 4.52
N VAL B 118 15.44 0.45 4.53
CA VAL B 118 15.48 -0.89 3.95
C VAL B 118 15.81 -1.88 5.07
N ALA B 119 14.90 -2.83 5.27
CA ALA B 119 15.10 -3.89 6.27
C ALA B 119 15.43 -5.21 5.61
N ARG B 120 16.30 -5.99 6.25
CA ARG B 120 16.78 -7.27 5.76
C ARG B 120 16.39 -8.35 6.74
N TYR B 121 15.87 -9.46 6.23
CA TYR B 121 15.35 -10.55 7.03
C TYR B 121 15.89 -11.91 6.61
N LYS B 122 16.01 -12.79 7.59
CA LYS B 122 16.34 -14.19 7.35
C LYS B 122 15.23 -15.08 7.89
N LEU B 123 14.80 -16.05 7.09
CA LEU B 123 13.87 -17.08 7.57
C LEU B 123 14.57 -18.04 8.52
N GLU B 124 14.01 -18.23 9.72
CA GLU B 124 14.47 -19.20 10.70
C GLU B 124 13.73 -20.53 10.58
N SER B 125 12.41 -20.49 10.41
CA SER B 125 11.66 -21.74 10.23
C SER B 125 10.41 -21.50 9.43
N GLY B 126 10.28 -22.26 8.33
CA GLY B 126 9.14 -22.12 7.43
C GLY B 126 8.10 -23.15 7.82
N PRO B 127 7.07 -23.35 6.97
CA PRO B 127 6.84 -22.70 5.68
C PRO B 127 6.72 -21.21 5.77
N LEU B 128 6.91 -20.57 4.62
CA LEU B 128 6.99 -19.11 4.52
C LEU B 128 6.03 -18.65 3.44
N VAL B 129 5.25 -17.63 3.75
CA VAL B 129 4.46 -16.96 2.74
C VAL B 129 5.13 -15.64 2.43
N LEU B 130 5.34 -15.37 1.15
CA LEU B 130 5.84 -14.06 0.72
C LEU B 130 4.88 -13.36 -0.21
N THR B 131 4.71 -12.04 -0.07
CA THR B 131 4.11 -11.30 -1.15
C THR B 131 5.17 -10.37 -1.75
N ILE B 132 5.23 -10.41 -3.08
CA ILE B 132 6.30 -9.80 -3.85
C ILE B 132 5.81 -8.50 -4.43
N LYS B 133 6.53 -7.43 -4.16
CA LYS B 133 6.07 -6.11 -4.66
C LYS B 133 6.15 -6.01 -6.18
N ARG B 134 5.07 -5.55 -6.81
CA ARG B 134 5.02 -5.47 -8.27
C ARG B 134 6.12 -4.56 -8.81
N LYS B 135 6.74 -5.01 -9.88
CA LYS B 135 7.68 -4.24 -10.68
C LYS B 135 9.06 -4.12 -10.03
N TYR B 136 9.32 -4.97 -9.03
CA TYR B 136 10.63 -5.01 -8.39
C TYR B 136 11.53 -6.18 -8.89
N PHE B 137 10.91 -7.20 -9.49
CA PHE B 137 11.64 -8.32 -10.04
C PHE B 137 11.34 -8.41 -11.52
N GLU B 138 12.31 -8.84 -12.27
CA GLU B 138 12.14 -8.99 -13.71
C GLU B 138 11.12 -10.07 -13.95
N ALA B 139 10.27 -9.90 -14.95
CA ALA B 139 9.33 -10.95 -15.33
C ALA B 139 9.97 -12.00 -16.23
N ALA B 140 10.03 -13.23 -15.76
CA ALA B 140 10.47 -14.33 -16.56
C ALA B 140 9.60 -14.50 -17.80
N THR B 141 10.25 -14.87 -18.89
CA THR B 141 9.53 -15.26 -20.08
C THR B 141 8.90 -16.60 -19.82
N LEU B 142 7.61 -16.69 -20.12
CA LEU B 142 6.87 -17.92 -19.89
C LEU B 142 6.60 -18.64 -21.20
N GLU B 143 7.18 -19.83 -21.34
CA GLU B 143 7.13 -20.55 -22.59
C GLU B 143 6.32 -21.81 -22.37
N GLY B 144 5.52 -22.16 -23.38
CA GLY B 144 4.63 -23.29 -23.29
C GLY B 144 3.40 -22.98 -22.42
N THR B 145 2.62 -24.01 -22.19
CA THR B 145 1.41 -23.92 -21.37
C THR B 145 1.35 -25.14 -20.50
N THR B 146 0.56 -25.08 -19.43
CA THR B 146 0.40 -26.19 -18.50
C THR B 146 -1.09 -26.32 -18.17
N ALA B 147 -1.62 -27.54 -18.29
CA ALA B 147 -3.01 -27.79 -17.91
C ALA B 147 -3.17 -27.70 -16.41
N THR B 148 -4.37 -27.36 -15.97
CA THR B 148 -4.65 -27.15 -14.57
C THR B 148 -5.65 -28.19 -14.09
N GLU B 149 -5.43 -28.70 -12.87
CA GLU B 149 -6.43 -29.49 -12.14
C GLU B 149 -7.37 -28.59 -11.34
N GLU B 150 -8.68 -28.74 -11.55
CA GLU B 150 -9.64 -27.95 -10.81
C GLU B 150 -9.64 -28.31 -9.34
N LEU B 151 -9.59 -27.28 -8.51
CA LEU B 151 -9.80 -27.43 -7.07
C LEU B 151 -11.12 -26.85 -6.62
N PRO B 152 -11.71 -27.42 -5.58
CA PRO B 152 -12.99 -26.90 -5.07
C PRO B 152 -12.86 -25.59 -4.33
N VAL B 153 -13.85 -24.72 -4.48
CA VAL B 153 -13.85 -23.45 -3.76
C VAL B 153 -14.78 -23.73 -2.61
N GLY B 154 -14.85 -22.78 -1.70
CA GLY B 154 -15.61 -22.93 -0.47
C GLY B 154 -16.92 -22.20 -0.49
N PRO B 155 -17.50 -22.03 0.69
CA PRO B 155 -18.70 -21.23 0.83
C PRO B 155 -18.47 -19.81 0.32
N GLN B 156 -19.44 -19.25 -0.38
CA GLN B 156 -19.29 -17.92 -0.92
C GLN B 156 -19.61 -16.91 0.18
N LYS B 157 -18.64 -16.11 0.52
CA LYS B 157 -18.78 -15.08 1.55
C LYS B 157 -18.88 -13.69 0.91
N ILE B 158 -18.23 -13.55 -0.25
CA ILE B 158 -18.19 -12.27 -0.92
C ILE B 158 -18.59 -12.46 -2.37
N THR B 159 -19.53 -11.68 -2.85
CA THR B 159 -19.89 -11.73 -4.27
C THR B 159 -19.29 -10.56 -5.02
N LEU B 160 -18.76 -10.85 -6.20
CA LEU B 160 -18.21 -9.84 -7.07
C LEU B 160 -19.37 -9.35 -7.92
N LEU B 161 -19.84 -8.14 -7.65
CA LEU B 161 -20.95 -7.59 -8.40
C LEU B 161 -20.52 -6.97 -9.71
N GLU B 162 -19.40 -6.27 -9.71
CA GLU B 162 -19.01 -5.55 -10.89
C GLU B 162 -17.52 -5.28 -10.85
N GLU B 163 -16.89 -5.42 -12.01
CA GLU B 163 -15.50 -5.03 -12.16
C GLU B 163 -15.48 -3.85 -13.11
N ILE B 164 -14.87 -2.73 -12.72
CA ILE B 164 -14.95 -1.50 -13.52
C ILE B 164 -13.57 -0.93 -13.76
N GLU B 165 -13.07 -1.01 -15.00
CA GLU B 165 -11.77 -0.40 -15.36
C GLU B 165 -11.80 1.11 -15.26
N GLU B 166 -10.71 1.70 -14.78
CA GLU B 166 -10.63 3.13 -14.79
C GLU B 166 -10.58 3.53 -16.25
N GLU B 167 -11.33 4.55 -16.60
CA GLU B 167 -11.33 5.07 -17.96
C GLU B 167 -9.90 5.39 -18.39
N ARG B 168 -9.48 4.86 -19.54
CA ARG B 168 -8.10 5.01 -20.02
C ARG B 168 -7.95 6.14 -21.04
N THR B 169 -6.93 6.98 -20.85
CA THR B 169 -6.54 7.99 -21.85
C THR B 169 -5.08 7.87 -22.22
N GLY B 170 -4.80 7.59 -23.48
CA GLY B 170 -3.44 7.71 -23.97
C GLY B 170 -2.61 6.57 -23.47
N ILE B 171 -1.29 6.73 -23.46
CA ILE B 171 -0.43 5.64 -23.09
C ILE B 171 -0.46 5.37 -21.57
N PRO B 172 -0.52 4.08 -21.16
CA PRO B 172 -0.51 3.72 -19.73
C PRO B 172 0.63 4.36 -18.93
N LEU B 173 0.37 4.81 -17.70
CA LEU B 173 1.45 5.39 -16.88
C LEU B 173 2.70 4.53 -16.78
N GLU B 174 2.52 3.22 -16.61
CA GLU B 174 3.65 2.34 -16.32
C GLU B 174 4.41 2.00 -17.59
N ASP B 175 3.88 2.43 -18.75
CA ASP B 175 4.55 2.24 -20.04
C ASP B 175 5.17 3.52 -20.61
N ALA B 176 4.81 4.68 -20.08
CA ALA B 176 5.16 5.93 -20.71
C ALA B 176 6.64 6.29 -20.58
N GLU B 177 7.21 6.86 -21.63
CA GLU B 177 8.59 7.39 -21.54
C GLU B 177 8.67 8.80 -20.97
N VAL B 178 7.53 9.51 -20.92
CA VAL B 178 7.43 10.78 -20.23
C VAL B 178 6.20 10.75 -19.34
N VAL B 179 6.38 11.09 -18.08
CA VAL B 179 5.29 11.21 -17.12
C VAL B 179 5.31 12.64 -16.56
N VAL B 180 4.14 13.26 -16.55
CA VAL B 180 3.92 14.58 -16.00
C VAL B 180 3.00 14.42 -14.76
N THR B 181 3.56 14.59 -13.56
CA THR B 181 2.81 14.42 -12.35
C THR B 181 2.51 15.75 -11.68
N GLY B 182 1.25 15.89 -11.31
CA GLY B 182 0.80 17.00 -10.48
C GLY B 182 0.52 16.54 -9.04
N GLY B 183 0.86 17.44 -8.11
CA GLY B 183 0.52 17.32 -6.72
C GLY B 183 -0.41 18.39 -6.20
N ARG B 184 -0.43 18.55 -4.89
CA ARG B 184 -1.33 19.50 -4.25
C ARG B 184 -1.10 20.87 -4.78
N GLY B 185 0.13 21.13 -5.18
CA GLY B 185 0.48 22.46 -5.65
C GLY B 185 -0.24 22.92 -6.91
N ILE B 186 -0.84 21.98 -7.63
CA ILE B 186 -1.55 22.35 -8.84
C ILE B 186 -2.77 23.20 -8.53
N GLY B 187 -3.44 22.91 -7.41
CA GLY B 187 -4.47 23.78 -6.86
C GLY B 187 -5.92 23.55 -7.23
N SER B 188 -6.17 22.77 -8.29
CA SER B 188 -7.54 22.44 -8.69
C SER B 188 -7.55 21.39 -9.80
N GLY B 189 -8.71 20.78 -10.02
CA GLY B 189 -8.84 19.82 -11.09
C GLY B 189 -8.70 20.45 -12.47
N ASP B 190 -9.30 21.62 -12.67
CA ASP B 190 -9.15 22.32 -13.93
C ASP B 190 -7.71 22.71 -14.20
N ASN B 191 -6.97 23.04 -13.14
CA ASN B 191 -5.60 23.46 -13.30
C ASN B 191 -4.72 22.34 -13.85
N PHE B 192 -5.19 21.09 -13.78
CA PHE B 192 -4.46 19.97 -14.36
C PHE B 192 -4.47 20.02 -15.88
N SER B 193 -5.33 20.86 -16.48
CA SER B 193 -5.42 20.91 -17.93
C SER B 193 -4.06 21.18 -18.60
N ILE B 194 -3.21 22.03 -18.04
CA ILE B 194 -1.97 22.32 -18.75
C ILE B 194 -0.98 21.16 -18.62
N LEU B 195 -1.10 20.36 -17.57
CA LEU B 195 -0.29 19.16 -17.43
C LEU B 195 -0.73 18.10 -18.45
N LYS B 196 -2.04 18.01 -18.66
CA LYS B 196 -2.55 17.10 -19.68
C LYS B 196 -2.08 17.54 -21.03
N GLU B 197 -2.01 18.85 -21.25
CA GLU B 197 -1.61 19.37 -22.56
C GLU B 197 -0.15 19.02 -22.84
N ILE B 198 0.74 19.34 -21.92
CA ILE B 198 2.15 19.06 -22.17
C ILE B 198 2.41 17.55 -22.26
N ALA B 199 1.73 16.76 -21.42
CA ALA B 199 1.85 15.30 -21.53
C ALA B 199 1.46 14.81 -22.94
N GLY B 200 0.33 15.32 -23.47
CA GLY B 200 -0.10 14.94 -24.81
C GLY B 200 0.95 15.29 -25.87
N MSE B 201 1.54 16.46 -25.72
CA MSE B 201 2.56 16.93 -26.66
C MSE B 201 3.78 16.06 -26.66
O MSE B 201 4.42 15.97 -27.73
CB MSE B 201 2.97 18.37 -26.34
CG MSE B 201 1.91 19.35 -26.67
SE MSE B 201 2.34 21.09 -25.89
CE MSE B 201 3.90 21.54 -26.89
H MSE B 201 1.39 17.01 -25.08
HA MSE B 201 2.18 16.93 -27.55
HB2 MSE B 201 3.16 18.43 -25.39
HB3 MSE B 201 3.76 18.59 -26.85
HG2 MSE B 201 1.84 19.45 -27.64
HG3 MSE B 201 1.06 19.05 -26.31
HE1 MSE B 201 4.23 22.40 -26.60
HE2 MSE B 201 4.58 20.86 -26.74
HE3 MSE B 201 3.67 21.57 -27.83
N LEU B 202 4.10 15.46 -25.51
CA LEU B 202 5.31 14.64 -25.38
C LEU B 202 5.01 13.14 -25.44
N ASN B 203 3.82 12.75 -25.90
CA ASN B 203 3.44 11.34 -25.99
C ASN B 203 3.65 10.67 -24.62
N GLY B 204 3.33 11.39 -23.56
CA GLY B 204 3.43 10.92 -22.19
C GLY B 204 2.08 10.74 -21.53
N ALA B 205 2.14 10.56 -20.24
CA ALA B 205 0.96 10.28 -19.39
C ALA B 205 0.99 11.19 -18.19
N VAL B 206 -0.18 11.42 -17.64
CA VAL B 206 -0.29 12.28 -16.46
C VAL B 206 -0.45 11.43 -15.22
N GLY B 207 0.40 11.70 -14.21
CA GLY B 207 0.28 11.06 -12.92
C GLY B 207 -0.10 12.04 -11.82
N ALA B 208 -0.21 11.50 -10.62
CA ALA B 208 -0.54 12.29 -9.51
C ALA B 208 0.06 11.82 -8.22
N SER B 209 0.28 12.76 -7.33
CA SER B 209 0.54 12.40 -5.93
C SER B 209 -0.73 12.04 -5.21
N ARG B 210 -0.55 11.46 -4.03
CA ARG B 210 -1.69 11.24 -3.18
C ARG B 210 -2.43 12.52 -2.83
N GLY B 211 -1.70 13.62 -2.70
CA GLY B 211 -2.35 14.89 -2.41
C GLY B 211 -3.37 15.23 -3.49
N ALA B 212 -2.97 15.11 -4.75
CA ALA B 212 -3.88 15.48 -5.84
C ALA B 212 -5.06 14.51 -5.94
N VAL B 213 -4.82 13.22 -5.66
CA VAL B 213 -5.87 12.21 -5.68
C VAL B 213 -6.84 12.46 -4.53
N ASP B 214 -6.34 12.83 -3.33
CA ASP B 214 -7.22 13.05 -2.18
C ASP B 214 -8.12 14.28 -2.40
N GLU B 215 -7.64 15.24 -3.19
CA GLU B 215 -8.44 16.39 -3.55
C GLU B 215 -9.46 16.08 -4.62
N GLY B 216 -9.32 14.94 -5.30
CA GLY B 216 -10.25 14.56 -6.34
C GLY B 216 -9.85 15.07 -7.72
N TRP B 217 -8.65 15.61 -7.83
CA TRP B 217 -8.22 16.25 -9.09
C TRP B 217 -7.79 15.25 -10.17
N MSE B 218 -7.35 14.07 -9.74
CA MSE B 218 -7.08 12.93 -10.60
C MSE B 218 -7.65 11.68 -10.00
O MSE B 218 -7.78 11.59 -8.76
CB MSE B 218 -5.59 12.72 -10.80
CG MSE B 218 -4.90 13.82 -11.69
SE MSE B 218 -5.49 13.90 -13.57
CE MSE B 218 -4.97 12.19 -14.27
H MSE B 218 -7.21 13.91 -8.91
HA MSE B 218 -7.48 13.09 -11.47
HB2 MSE B 218 -5.15 12.74 -9.94
HB3 MSE B 218 -5.44 11.87 -11.23
HG2 MSE B 218 -5.08 14.68 -11.30
HG3 MSE B 218 -3.94 13.65 -11.70
HE1 MSE B 218 -5.41 12.05 -15.11
HE2 MSE B 218 -4.00 12.18 -14.38
HE3 MSE B 218 -5.23 11.50 -13.63
N PRO B 219 -7.96 10.68 -10.84
CA PRO B 219 -8.49 9.43 -10.28
C PRO B 219 -7.48 8.62 -9.53
N PRO B 220 -7.93 7.66 -8.69
CA PRO B 220 -6.98 6.97 -7.82
C PRO B 220 -5.90 6.20 -8.56
N GLY B 221 -6.23 5.66 -9.73
CA GLY B 221 -5.25 4.95 -10.54
C GLY B 221 -4.11 5.77 -11.09
N ALA B 222 -4.23 7.10 -11.01
CA ALA B 222 -3.15 7.99 -11.41
C ALA B 222 -2.08 8.17 -10.32
N GLN B 223 -2.36 7.71 -9.09
CA GLN B 223 -1.38 7.88 -8.02
C GLN B 223 -0.12 7.07 -8.29
N ILE B 224 1.01 7.74 -8.09
CA ILE B 224 2.35 7.17 -8.26
C ILE B 224 2.94 7.13 -6.86
N GLY B 225 3.62 6.04 -6.54
CA GLY B 225 4.33 5.90 -5.26
C GLY B 225 4.16 4.50 -4.64
N GLN B 226 4.57 4.41 -3.36
CA GLN B 226 4.55 3.21 -2.52
C GLN B 226 3.25 2.46 -2.60
N THR B 227 2.13 3.20 -2.62
CA THR B 227 0.83 2.57 -2.71
C THR B 227 0.06 2.97 -3.94
N GLY B 228 0.82 3.35 -4.95
CA GLY B 228 0.26 3.54 -6.30
C GLY B 228 1.12 2.84 -7.35
N LYS B 229 1.23 3.47 -8.50
CA LYS B 229 1.97 2.93 -9.62
C LYS B 229 3.46 3.18 -9.51
N ILE B 230 4.23 2.28 -10.08
CA ILE B 230 5.68 2.36 -10.13
C ILE B 230 6.00 2.69 -11.57
N VAL B 231 6.77 3.76 -11.82
CA VAL B 231 7.05 4.17 -13.19
C VAL B 231 8.57 4.39 -13.37
N ALA B 232 9.07 4.10 -14.56
CA ALA B 232 10.49 4.35 -14.85
C ALA B 232 10.69 5.04 -16.21
N PRO B 233 10.04 6.20 -16.35
CA PRO B 233 10.16 6.94 -17.61
C PRO B 233 11.56 7.51 -17.76
N THR B 234 11.90 7.86 -18.98
CA THR B 234 13.08 8.65 -19.26
C THR B 234 12.97 10.01 -18.56
N VAL B 235 11.81 10.66 -18.69
CA VAL B 235 11.58 11.95 -18.06
C VAL B 235 10.36 11.90 -17.14
N TYR B 236 10.53 12.41 -15.93
CA TYR B 236 9.47 12.50 -14.94
C TYR B 236 9.37 13.92 -14.46
N PHE B 237 8.27 14.60 -14.78
CA PHE B 237 8.07 15.96 -14.29
C PHE B 237 7.32 15.86 -12.98
N ALA B 238 7.87 16.39 -11.90
CA ALA B 238 7.19 16.44 -10.61
C ALA B 238 6.81 17.90 -10.34
N VAL B 239 5.53 18.20 -10.56
CA VAL B 239 5.02 19.58 -10.57
C VAL B 239 4.10 19.81 -9.39
N GLY B 240 4.53 20.68 -8.48
CA GLY B 240 3.75 20.97 -7.30
C GLY B 240 3.65 19.72 -6.42
N VAL B 241 4.76 18.98 -6.33
CA VAL B 241 4.90 17.75 -5.55
C VAL B 241 6.05 17.93 -4.60
N SER B 242 5.81 17.78 -3.30
CA SER B 242 6.84 18.11 -2.32
C SER B 242 7.95 17.06 -2.37
N GLY B 243 7.64 15.85 -2.82
CA GLY B 243 8.61 14.77 -2.83
C GLY B 243 8.71 13.97 -1.54
N ALA B 244 7.56 13.71 -0.92
CA ALA B 244 7.55 12.83 0.22
C ALA B 244 8.15 11.45 -0.20
N SER B 245 8.79 10.80 0.76
N SER B 245 8.76 10.77 0.77
CA SER B 245 9.43 9.51 0.49
CA SER B 245 9.44 9.50 0.50
C SER B 245 8.50 8.48 -0.14
C SER B 245 8.52 8.44 -0.10
N GLN B 246 7.24 8.46 0.30
CA GLN B 246 6.27 7.52 -0.25
C GLN B 246 5.99 7.80 -1.74
N HIS B 247 6.09 9.06 -2.18
CA HIS B 247 6.01 9.38 -3.58
C HIS B 247 7.28 8.95 -4.31
N LEU B 248 8.43 9.27 -3.71
CA LEU B 248 9.73 8.94 -4.31
C LEU B 248 9.85 7.44 -4.58
N ALA B 249 9.17 6.62 -3.78
CA ALA B 249 9.24 5.19 -3.95
C ALA B 249 8.71 4.72 -5.28
N GLY B 250 7.86 5.53 -5.93
CA GLY B 250 7.30 5.16 -7.21
C GLY B 250 8.18 5.51 -8.40
N ILE B 251 9.26 6.22 -8.18
CA ILE B 251 10.07 6.74 -9.27
C ILE B 251 11.56 6.49 -9.14
N SER B 252 11.95 5.46 -8.41
CA SER B 252 13.35 5.19 -8.20
C SER B 252 14.12 4.99 -9.49
N ASN B 253 13.47 4.46 -10.52
CA ASN B 253 14.17 4.19 -11.76
C ASN B 253 13.85 5.17 -12.89
N ALA B 254 13.16 6.24 -12.57
CA ALA B 254 12.97 7.38 -13.50
C ALA B 254 14.34 7.93 -13.81
N LYS B 255 14.67 8.15 -15.10
CA LYS B 255 16.04 8.50 -15.46
C LYS B 255 16.29 9.98 -15.15
N CYS B 256 15.38 10.84 -15.57
CA CYS B 256 15.54 12.28 -15.42
C CYS B 256 14.33 12.89 -14.76
N VAL B 257 14.44 13.09 -13.45
CA VAL B 257 13.39 13.73 -12.69
C VAL B 257 13.60 15.25 -12.73
N ILE B 258 12.54 15.96 -13.14
CA ILE B 258 12.51 17.43 -13.30
C ILE B 258 11.50 17.94 -12.26
N ALA B 259 12.00 18.68 -11.29
CA ALA B 259 11.14 19.29 -10.26
C ALA B 259 10.75 20.71 -10.67
N ILE B 260 9.46 21.02 -10.56
CA ILE B 260 8.94 22.41 -10.70
C ILE B 260 8.14 22.69 -9.44
N ASN B 261 8.71 23.49 -8.54
CA ASN B 261 8.17 23.69 -7.21
C ASN B 261 8.54 25.06 -6.70
N LYS B 262 7.59 25.78 -6.12
CA LYS B 262 7.85 27.12 -5.66
C LYS B 262 8.71 27.16 -4.37
N ASP B 263 8.85 26.05 -3.67
CA ASP B 263 9.58 26.00 -2.41
C ASP B 263 10.98 25.42 -2.61
N ASN B 264 12.00 26.27 -2.45
CA ASN B 264 13.36 25.77 -2.71
C ASN B 264 13.84 24.69 -1.75
N GLU B 265 13.15 24.57 -0.60
CA GLU B 265 13.50 23.58 0.40
C GLU B 265 12.73 22.27 0.22
N ALA B 266 11.92 22.18 -0.83
CA ALA B 266 11.12 20.98 -0.99
C ALA B 266 12.00 19.73 -1.20
N ASN B 267 11.55 18.62 -0.64
CA ASN B 267 12.37 17.42 -0.66
C ASN B 267 12.60 16.89 -2.07
N ILE B 268 11.70 17.18 -2.99
CA ILE B 268 11.82 16.70 -4.34
C ILE B 268 13.17 17.10 -4.98
N PHE B 269 13.74 18.23 -4.56
CA PHE B 269 14.99 18.66 -5.15
C PHE B 269 16.17 17.78 -4.74
N LYS B 270 15.99 16.93 -3.72
CA LYS B 270 17.03 15.92 -3.35
C LYS B 270 17.00 14.63 -4.21
N ARG B 271 15.97 14.53 -5.05
CA ARG B 271 15.83 13.44 -6.03
C ARG B 271 15.99 13.93 -7.48
N ALA B 272 15.61 15.16 -7.74
CA ALA B 272 15.61 15.67 -9.11
C ALA B 272 16.99 15.82 -9.72
N ARG B 273 17.01 15.66 -11.05
CA ARG B 273 18.19 15.92 -11.87
C ARG B 273 18.25 17.39 -12.26
N PHE B 274 17.10 17.94 -12.61
CA PHE B 274 16.96 19.38 -12.93
C PHE B 274 15.86 19.94 -12.07
N GLY B 275 16.00 21.20 -11.69
CA GLY B 275 15.00 21.83 -10.85
C GLY B 275 14.76 23.26 -11.22
N ILE B 276 13.49 23.63 -11.20
CA ILE B 276 13.06 25.00 -11.39
C ILE B 276 12.31 25.39 -10.14
N VAL B 277 12.88 26.36 -9.42
CA VAL B 277 12.22 26.92 -8.24
C VAL B 277 11.31 28.06 -8.71
N GLY B 278 10.02 27.80 -8.75
CA GLY B 278 9.07 28.77 -9.22
C GLY B 278 7.67 28.22 -9.37
N ASP B 279 6.80 29.10 -9.82
CA ASP B 279 5.37 28.84 -9.99
C ASP B 279 5.14 28.04 -11.25
N TYR B 280 4.53 26.85 -11.12
CA TYR B 280 4.26 26.02 -12.30
C TYR B 280 3.31 26.74 -13.27
N LYS B 281 2.52 27.70 -12.77
CA LYS B 281 1.58 28.40 -13.66
C LYS B 281 2.32 29.34 -14.62
N LYS B 282 3.59 29.59 -14.32
CA LYS B 282 4.45 30.32 -15.22
C LYS B 282 5.38 29.37 -16.00
N ALA B 283 5.95 28.41 -15.30
CA ALA B 283 6.90 27.48 -15.89
C ALA B 283 6.27 26.61 -16.97
N VAL B 284 5.09 26.04 -16.70
CA VAL B 284 4.59 25.03 -17.64
C VAL B 284 4.11 25.70 -18.93
N PRO B 285 3.40 26.83 -18.85
CA PRO B 285 3.02 27.53 -20.10
C PRO B 285 4.26 27.95 -20.89
N ALA B 286 5.32 28.33 -20.19
CA ALA B 286 6.53 28.73 -20.90
C ALA B 286 7.16 27.54 -21.61
N LEU B 287 7.13 26.39 -20.94
CA LEU B 287 7.70 25.16 -21.49
C LEU B 287 6.89 24.74 -22.73
N ILE B 288 5.56 24.78 -22.60
CA ILE B 288 4.70 24.49 -23.73
C ILE B 288 5.00 25.39 -24.92
N ASN B 289 5.13 26.70 -24.69
CA ASN B 289 5.45 27.58 -25.77
C ASN B 289 6.77 27.28 -26.44
N ALA B 290 7.79 27.00 -25.65
CA ALA B 290 9.10 26.66 -26.18
C ALA B 290 9.04 25.37 -27.01
N LEU B 291 8.25 24.41 -26.56
CA LEU B 291 8.10 23.16 -27.29
C LEU B 291 7.37 23.38 -28.62
N LYS B 292 6.43 24.30 -28.67
CA LYS B 292 5.68 24.63 -29.90
C LYS B 292 6.54 25.40 -30.88
P AMP C . 0.52 -3.18 8.80
O1P AMP C . 1.61 -3.00 9.80
O2P AMP C . 0.85 -2.42 7.51
O3P AMP C . 0.08 -4.58 8.51
O5' AMP C . -0.75 -2.44 9.41
C5' AMP C . -1.95 -2.33 8.65
C4' AMP C . -3.08 -1.80 9.49
O4' AMP C . -3.32 -2.73 10.57
C3' AMP C . -2.82 -0.48 10.20
O3' AMP C . -3.04 0.61 9.32
C2' AMP C . -3.79 -0.54 11.38
O2' AMP C . -5.13 -0.25 10.96
C1' AMP C . -3.69 -2.04 11.74
N9 AMP C . -2.60 -2.24 12.73
C8 AMP C . -1.32 -2.66 12.56
N7 AMP C . -0.64 -2.66 13.69
C5 AMP C . -1.51 -2.23 14.65
C6 AMP C . -1.40 -1.94 16.07
N6 AMP C . -0.21 -2.18 16.66
N1 AMP C . -2.48 -1.45 16.68
C2 AMP C . -3.65 -1.27 16.04
N3 AMP C . -3.80 -1.47 14.69
C4 AMP C . -2.76 -1.93 14.01
HO3' AMP C . -2.27 1.19 9.35
HO2' AMP C . -5.22 0.72 10.94
H8 AMP C . -0.91 -2.98 11.62
HN61 AMP C . -0.09 -2.06 17.63
HN62 AMP C . 0.55 -2.55 16.11
H2 AMP C . -4.50 -0.87 16.57
PA FAD D . 2.37 18.56 -0.50
O1A FAD D . 3.33 17.82 0.37
O2A FAD D . 1.39 19.50 0.13
O5B FAD D . 3.25 19.37 -1.57
C5B FAD D . 2.72 20.42 -2.35
C4B FAD D . 3.87 21.09 -3.07
O4B FAD D . 3.40 21.98 -4.07
C3B FAD D . 4.72 21.91 -2.10
O3B FAD D . 6.07 21.46 -2.11
C2B FAD D . 4.60 23.33 -2.61
O2B FAD D . 5.83 24.05 -2.48
C1B FAD D . 4.23 23.13 -4.06
N9A FAD D . 3.49 24.22 -4.69
C8A FAD D . 2.41 24.87 -4.23
N7A FAD D . 2.00 25.80 -5.13
C5A FAD D . 2.82 25.73 -6.18
C6A FAD D . 2.97 26.41 -7.49
N6A FAD D . 2.11 27.39 -7.84
N1A FAD D . 3.97 26.02 -8.29
C2A FAD D . 4.83 25.05 -7.96
N3A FAD D . 4.75 24.40 -6.80
C4A FAD D . 3.79 24.68 -5.89
N1 FAD D . 1.94 9.86 -1.59
C2 FAD D . 2.03 9.60 -2.91
O2 FAD D . 2.12 10.56 -3.71
N3 FAD D . 2.07 8.35 -3.39
C4 FAD D . 1.98 7.27 -2.61
O4 FAD D . 2.00 6.12 -3.08
C4X FAD D . 1.87 7.46 -1.15
N5 FAD D . 1.79 6.43 -0.29
C5X FAD D . 1.68 6.65 1.03
C6 FAD D . 1.61 5.60 1.92
C7 FAD D . 1.50 5.83 3.28
C7M FAD D . 1.42 4.68 4.23
C8 FAD D . 1.48 7.21 3.80
C8M FAD D . 1.36 7.48 5.27
C9 FAD D . 1.56 8.27 2.92
C9A FAD D . 1.66 8.04 1.55
N10 FAD D . 1.75 9.13 0.67
C10 FAD D . 1.86 8.86 -0.69
C1' FAD D . 1.67 10.51 1.13
C2' FAD D . 2.92 11.32 1.16
O2' FAD D . 3.50 11.08 2.43
C3' FAD D . 2.54 12.79 1.03
O3' FAD D . 1.48 13.09 1.93
C4' FAD D . 2.08 13.18 -0.37
O4' FAD D . 2.84 12.53 -1.37
C5' FAD D . 2.22 14.69 -0.52
O5' FAD D . 1.52 15.15 -1.65
P FAD D . 2.02 16.47 -2.42
O1P FAD D . 3.50 16.50 -2.45
O2P FAD D . 1.25 16.55 -3.71
O3P FAD D . 1.49 17.61 -1.45
H51A FAD D . 2.20 21.13 -1.72
H52A FAD D . 2.01 20.02 -3.08
H4B FAD D . 4.50 20.31 -3.53
H3B FAD D . 4.29 21.84 -1.09
HO3A FAD D . 6.74 22.15 -2.12
H2B FAD D . 3.79 23.85 -2.08
HO2A FAD D . 6.05 24.13 -1.55
H1B FAD D . 5.15 22.93 -4.63
H8A FAD D . 1.95 24.70 -3.28
H61A FAD D . 2.21 27.82 -8.70
H62A FAD D . 1.39 27.64 -7.22
H2A FAD D . 5.61 24.78 -8.65
HN3 FAD D . 2.12 8.21 -4.38
H6 FAD D . 1.63 4.58 1.55
HM71 FAD D . 2.34 4.57 4.74
HM72 FAD D . 0.64 4.86 4.94
HM73 FAD D . 1.20 3.79 3.70
HM81 FAD D . 0.52 6.98 5.65
HM82 FAD D . 1.28 8.52 5.44
HM83 FAD D . 2.24 7.12 5.75
H9 FAD D . 1.53 9.26 3.35
H1'1 FAD D . 1.14 10.62 2.08
H1'2 FAD D . 1.00 10.98 0.42
H2' FAD D . 3.60 11.01 0.35
HO2' FAD D . 2.89 11.35 3.13
H3' FAD D . 3.42 13.41 1.29
HO3' FAD D . 0.63 12.83 1.55
H4' FAD D . 1.01 12.93 -0.50
HO4' FAD D . 3.78 12.59 -1.15
H5'1 FAD D . 1.82 15.18 0.37
H5'2 FAD D . 3.28 14.95 -0.59
#